data_9G8A
#
_entry.id   9G8A
#
_cell.length_a   71.836
_cell.length_b   83.808
_cell.length_c   98.117
_cell.angle_alpha   90
_cell.angle_beta   104.498
_cell.angle_gamma   90
#
_symmetry.space_group_name_H-M   'P 1 21 1'
#
loop_
_entity.id
_entity.type
_entity.pdbx_description
1 polymer 'Lignostilbene dioxygenase'
2 non-polymer P-HYDROXYBENZALDEHYDE
3 non-polymer 'FE (II) ION'
4 water water
#
_entity_poly.entity_id   1
_entity_poly.type   'polypeptide(L)'
_entity_poly.pdbx_seq_one_letter_code
;MWSHPQFEKAPTATQEPVPVPVTSKAAPSHGYVHPTDILPSGWPTATDLSGGAQPRRFEGTIFDVMTRGTIPKELHGTFY
RIMPDYAQPPTYYKGGELNAPIDGDGTVAAFRFKDGKVDYRQRFVETDRFKVERRARKSMYGLYRNPYTHHPCVRQTVES
TANTNVVMHAGRFLAMKENGNAYEMDPHTLKTLGYNPFNLPSKTMTAHPKQCSVTGNLVGFGYEAKGLATKDVYYFEVDP
SGKVVRDLWLEAPWCAFIHDCALTPNYLVLMLWPFEANLERMKAGGHHWAYDYTKPITWITIPRGAKSKDEVKYWHWKNG
MPIHTASGFEDEQGRIIIDSSLVHGNAFPFFPPDSDEQKKKQEADGTPKAQFVRWTIDPRKDNNEQLPDPEVILDTPSEF
PQIDNRFMGVEYSSAFINVFVPDRSDGNKNVFQGLNGLAHYKRKEGTTEWYYAGDNCLIQEPVFSPRSKDAPEGDGFVLA
IVDRLDLNRSEVVVIDTRDFTKAVAAVQLPFAIRSGIHGQWIPGEVTPDFETKGLVDLPKEEHWAPLSQSPYDPDA
;
_entity_poly.pdbx_strand_id   A,B
#
loop_
_chem_comp.id
_chem_comp.type
_chem_comp.name
_chem_comp.formula
FE2 non-polymer 'FE (II) ION' 'Fe 2'
HBA non-polymer P-HYDROXYBENZALDEHYDE 'C7 H6 O2'
#
# COMPACT_ATOMS: atom_id res chain seq x y z
N TYR A 32 9.28 -28.26 1.75
CA TYR A 32 7.96 -27.70 1.31
C TYR A 32 8.20 -26.55 0.33
N VAL A 33 7.49 -26.66 -0.81
CA VAL A 33 7.34 -25.63 -1.84
C VAL A 33 5.83 -25.43 -2.03
N HIS A 34 5.36 -24.15 -1.96
CA HIS A 34 3.99 -23.78 -2.27
C HIS A 34 3.69 -24.01 -3.76
N PRO A 35 2.64 -24.80 -4.13
CA PRO A 35 2.32 -25.11 -5.52
C PRO A 35 2.17 -23.91 -6.44
N THR A 36 1.66 -22.77 -5.92
CA THR A 36 1.45 -21.53 -6.67
C THR A 36 2.77 -20.80 -6.95
N ASP A 37 3.81 -21.07 -6.15
CA ASP A 37 5.13 -20.45 -6.23
C ASP A 37 5.95 -20.93 -7.43
N ILE A 38 5.62 -22.10 -7.99
CA ILE A 38 6.27 -22.64 -9.19
C ILE A 38 5.53 -22.21 -10.48
N LEU A 39 4.44 -21.43 -10.35
CA LEU A 39 3.77 -20.82 -11.50
C LEU A 39 4.65 -19.70 -12.08
N PRO A 40 4.90 -19.62 -13.42
CA PRO A 40 5.87 -18.66 -13.98
C PRO A 40 5.46 -17.19 -13.91
N SER A 41 6.47 -16.37 -13.60
CA SER A 41 6.48 -14.91 -13.65
C SER A 41 7.16 -14.46 -14.94
N GLY A 42 6.67 -13.33 -15.49
CA GLY A 42 7.27 -12.60 -16.61
C GLY A 42 8.28 -11.52 -16.19
N TRP A 43 8.45 -11.31 -14.86
CA TRP A 43 9.28 -10.24 -14.33
C TRP A 43 10.74 -10.64 -14.41
N PRO A 44 11.66 -9.76 -14.93
CA PRO A 44 13.09 -9.90 -14.66
C PRO A 44 13.43 -9.53 -13.21
N THR A 45 14.68 -9.83 -12.82
CA THR A 45 15.22 -9.42 -11.53
C THR A 45 15.54 -7.91 -11.62
N ALA A 46 14.68 -7.10 -10.98
CA ALA A 46 14.81 -5.65 -10.89
C ALA A 46 15.22 -5.25 -9.46
N THR A 47 16.55 -5.22 -9.23
CA THR A 47 17.14 -4.86 -7.94
C THR A 47 17.04 -3.34 -7.73
N ASP A 48 17.00 -2.95 -6.44
CA ASP A 48 17.41 -1.63 -5.96
C ASP A 48 18.83 -1.73 -5.38
N LEU A 49 19.37 -0.59 -4.88
CA LEU A 49 20.73 -0.49 -4.37
C LEU A 49 21.05 -1.48 -3.24
N SER A 50 20.05 -1.86 -2.43
CA SER A 50 20.22 -2.83 -1.35
C SER A 50 20.49 -4.26 -1.84
N GLY A 51 20.16 -4.52 -3.12
CA GLY A 51 20.14 -5.86 -3.69
C GLY A 51 18.75 -6.52 -3.57
N GLY A 52 17.81 -5.91 -2.81
CA GLY A 52 16.40 -6.31 -2.74
C GLY A 52 15.75 -6.26 -4.12
N ALA A 53 14.94 -7.28 -4.46
CA ALA A 53 14.43 -7.47 -5.81
C ALA A 53 12.91 -7.58 -5.91
N GLN A 54 12.18 -7.14 -4.86
CA GLN A 54 10.73 -7.24 -4.81
C GLN A 54 10.09 -5.96 -5.37
N PRO A 55 9.42 -5.97 -6.57
CA PRO A 55 8.63 -4.83 -7.06
C PRO A 55 7.50 -4.45 -6.08
N ARG A 56 7.30 -3.15 -5.88
CA ARG A 56 6.31 -2.61 -4.92
C ARG A 56 5.20 -1.91 -5.70
N ARG A 57 5.45 -0.66 -6.13
CA ARG A 57 4.83 0.04 -7.25
C ARG A 57 3.45 0.61 -6.87
N PHE A 58 3.13 0.60 -5.57
CA PHE A 58 1.84 1.13 -5.08
C PHE A 58 1.91 2.65 -5.07
N GLU A 59 0.76 3.24 -5.42
CA GLU A 59 0.52 4.66 -5.35
C GLU A 59 -0.67 4.92 -4.44
N GLY A 60 -0.43 5.65 -3.35
CA GLY A 60 -1.50 6.09 -2.47
C GLY A 60 -1.04 6.44 -1.06
N THR A 61 -1.97 6.34 -0.10
CA THR A 61 -1.90 7.04 1.19
C THR A 61 -2.20 6.08 2.35
N ILE A 62 -1.60 6.40 3.52
CA ILE A 62 -2.11 6.02 4.84
C ILE A 62 -2.24 7.29 5.68
N PHE A 63 -3.47 7.54 6.16
CA PHE A 63 -3.76 8.59 7.11
C PHE A 63 -3.54 8.04 8.51
N ASP A 64 -2.73 8.76 9.29
CA ASP A 64 -2.49 8.51 10.72
C ASP A 64 -1.79 7.16 10.88
N VAL A 65 -0.58 7.08 10.29
CA VAL A 65 0.35 5.94 10.34
C VAL A 65 0.54 5.53 11.79
N MET A 66 0.44 4.21 12.05
CA MET A 66 0.70 3.63 13.36
C MET A 66 2.14 3.94 13.79
N THR A 67 2.25 4.39 15.04
CA THR A 67 3.51 4.77 15.68
C THR A 67 3.72 3.97 16.96
N ARG A 68 5.00 3.75 17.29
CA ARG A 68 5.46 3.19 18.57
C ARG A 68 6.33 4.25 19.28
N GLY A 69 6.21 4.33 20.62
CA GLY A 69 6.92 5.31 21.45
C GLY A 69 6.32 6.72 21.30
N THR A 70 7.13 7.76 21.52
CA THR A 70 6.65 9.14 21.44
C THR A 70 7.27 9.83 20.22
N ILE A 71 6.42 10.24 19.27
CA ILE A 71 6.83 11.09 18.14
C ILE A 71 7.19 12.46 18.72
N PRO A 72 8.46 12.95 18.61
CA PRO A 72 8.83 14.28 19.08
C PRO A 72 7.94 15.37 18.50
N LYS A 73 7.42 16.21 19.42
CA LYS A 73 6.59 17.38 19.12
C LYS A 73 7.36 18.43 18.32
N GLU A 74 8.70 18.43 18.44
CA GLU A 74 9.64 19.30 17.73
C GLU A 74 9.66 19.00 16.23
N LEU A 75 9.19 17.81 15.78
CA LEU A 75 9.11 17.45 14.36
C LEU A 75 7.94 18.16 13.71
N HIS A 76 8.26 18.99 12.71
CA HIS A 76 7.30 19.85 12.01
C HIS A 76 7.72 19.98 10.54
N GLY A 77 7.32 19.00 9.74
CA GLY A 77 7.82 18.87 8.38
C GLY A 77 7.58 17.50 7.78
N THR A 78 8.31 17.20 6.69
CA THR A 78 8.11 15.99 5.89
C THR A 78 9.46 15.35 5.61
N PHE A 79 9.52 14.04 5.87
CA PHE A 79 10.60 13.18 5.40
C PHE A 79 10.20 12.65 4.03
N TYR A 80 10.84 13.20 2.98
CA TYR A 80 10.65 12.79 1.59
C TYR A 80 11.79 11.88 1.17
N ARG A 81 11.42 10.68 0.70
CA ARG A 81 12.34 9.64 0.30
C ARG A 81 12.03 9.23 -1.14
N ILE A 82 13.06 8.95 -1.94
CA ILE A 82 12.89 8.60 -3.35
C ILE A 82 13.61 7.28 -3.64
N MET A 83 12.95 6.45 -4.46
CA MET A 83 13.33 5.05 -4.67
C MET A 83 13.21 4.68 -6.14
N PRO A 84 14.06 3.73 -6.68
CA PRO A 84 13.83 3.10 -7.97
C PRO A 84 12.84 1.94 -7.85
N ASP A 85 11.76 2.00 -8.64
CA ASP A 85 10.70 0.99 -8.59
C ASP A 85 10.06 0.89 -9.97
N TYR A 86 10.72 0.18 -10.88
CA TYR A 86 10.24 -0.06 -12.24
C TYR A 86 8.74 -0.37 -12.22
N ALA A 87 7.97 0.54 -12.83
CA ALA A 87 6.51 0.49 -12.86
C ALA A 87 6.02 -0.64 -13.78
N GLN A 88 6.70 -0.83 -14.92
CA GLN A 88 6.50 -1.93 -15.86
C GLN A 88 7.68 -2.89 -15.82
N PRO A 89 7.51 -4.24 -16.03
CA PRO A 89 8.64 -5.16 -16.15
C PRO A 89 9.62 -4.71 -17.24
N PRO A 90 10.91 -4.38 -16.91
CA PRO A 90 11.79 -3.66 -17.85
C PRO A 90 12.39 -4.51 -18.98
N THR A 91 11.51 -5.17 -19.77
CA THR A 91 11.88 -6.28 -20.65
C THR A 91 12.36 -5.81 -22.03
N TYR A 92 12.38 -4.50 -22.33
CA TYR A 92 12.64 -3.96 -23.67
C TYR A 92 13.97 -4.49 -24.25
N TYR A 93 15.07 -4.27 -23.51
CA TYR A 93 16.42 -4.59 -24.00
C TYR A 93 16.97 -5.80 -23.26
N LYS A 94 17.28 -6.85 -24.03
CA LYS A 94 17.86 -8.13 -23.58
C LYS A 94 17.04 -8.76 -22.45
N GLY A 95 15.70 -8.64 -22.52
CA GLY A 95 14.74 -9.10 -21.52
C GLY A 95 14.90 -8.46 -20.13
N GLY A 96 15.53 -7.26 -20.09
CA GLY A 96 15.92 -6.53 -18.89
C GLY A 96 17.04 -7.15 -18.06
N GLU A 97 17.86 -8.04 -18.66
CA GLU A 97 18.91 -8.76 -17.95
C GLU A 97 20.05 -7.85 -17.47
N LEU A 98 20.23 -6.68 -18.13
CA LEU A 98 21.29 -5.75 -17.78
C LEU A 98 20.77 -4.46 -17.13
N ASN A 99 19.56 -4.54 -16.53
CA ASN A 99 18.99 -3.43 -15.76
C ASN A 99 19.86 -3.21 -14.52
N ALA A 100 20.12 -1.94 -14.23
CA ALA A 100 20.97 -1.52 -13.12
C ALA A 100 20.08 -1.16 -11.91
N PRO A 101 20.53 -1.32 -10.63
CA PRO A 101 19.73 -0.90 -9.47
C PRO A 101 19.35 0.59 -9.42
N ILE A 102 20.09 1.43 -10.18
CA ILE A 102 19.91 2.88 -10.25
C ILE A 102 18.92 3.27 -11.36
N ASP A 103 18.34 2.29 -12.06
CA ASP A 103 17.53 2.49 -13.27
C ASP A 103 16.09 2.90 -13.00
N GLY A 104 15.39 2.19 -12.10
CA GLY A 104 13.93 2.09 -12.08
C GLY A 104 13.23 3.42 -11.83
N ASP A 105 11.98 3.53 -12.36
CA ASP A 105 11.06 4.67 -12.24
C ASP A 105 11.01 5.22 -10.82
N GLY A 106 11.26 6.53 -10.71
CA GLY A 106 11.22 7.27 -9.44
C GLY A 106 9.82 7.30 -8.85
N THR A 107 9.77 6.85 -7.59
CA THR A 107 8.63 6.92 -6.68
C THR A 107 9.05 7.63 -5.38
N VAL A 108 8.22 8.60 -4.98
CA VAL A 108 8.47 9.41 -3.79
C VAL A 108 7.58 8.89 -2.66
N ALA A 109 8.19 8.58 -1.50
CA ALA A 109 7.47 8.41 -0.25
C ALA A 109 7.62 9.66 0.63
N ALA A 110 6.48 10.14 1.15
CA ALA A 110 6.39 11.29 2.03
C ALA A 110 5.83 10.84 3.39
N PHE A 111 6.58 11.18 4.46
CA PHE A 111 6.18 10.98 5.85
C PHE A 111 6.06 12.37 6.50
N ARG A 112 4.82 12.88 6.66
CA ARG A 112 4.57 14.19 7.23
C ARG A 112 4.30 14.10 8.73
N PHE A 113 5.10 14.86 9.49
CA PHE A 113 5.09 14.96 10.94
C PHE A 113 4.49 16.33 11.32
N LYS A 114 3.34 16.29 12.00
CA LYS A 114 2.66 17.47 12.50
C LYS A 114 1.99 17.11 13.82
N ASP A 115 2.42 17.78 14.91
CA ASP A 115 1.81 17.69 16.25
C ASP A 115 1.79 16.26 16.79
N GLY A 116 2.87 15.50 16.56
CA GLY A 116 3.02 14.10 17.00
C GLY A 116 2.36 13.05 16.09
N LYS A 117 1.68 13.46 15.00
CA LYS A 117 0.94 12.57 14.10
C LYS A 117 1.66 12.46 12.75
N VAL A 118 1.58 11.26 12.12
CA VAL A 118 2.31 10.94 10.89
C VAL A 118 1.31 10.52 9.81
N ASP A 119 1.42 11.13 8.61
CA ASP A 119 0.73 10.74 7.38
C ASP A 119 1.75 10.24 6.35
N TYR A 120 1.28 9.37 5.46
CA TYR A 120 2.08 8.75 4.40
C TYR A 120 1.41 8.94 3.04
N ARG A 121 2.21 9.30 2.02
CA ARG A 121 1.85 9.21 0.61
C ARG A 121 3.03 8.68 -0.20
N GLN A 122 2.71 7.80 -1.15
CA GLN A 122 3.62 7.35 -2.18
C GLN A 122 3.03 7.58 -3.57
N ARG A 123 3.89 8.06 -4.49
CA ARG A 123 3.50 8.29 -5.87
C ARG A 123 4.73 8.28 -6.78
N PHE A 124 4.52 7.72 -7.97
CA PHE A 124 5.45 7.81 -9.08
C PHE A 124 5.54 9.24 -9.60
N VAL A 125 6.78 9.64 -9.91
CA VAL A 125 7.07 10.78 -10.79
C VAL A 125 6.54 10.45 -12.19
N GLU A 126 5.71 11.35 -12.73
CA GLU A 126 5.10 11.19 -14.04
C GLU A 126 6.08 11.73 -15.10
N THR A 127 7.27 11.08 -15.15
CA THR A 127 8.30 11.36 -16.15
C THR A 127 7.74 11.03 -17.54
N ASP A 128 8.21 11.73 -18.58
CA ASP A 128 7.94 11.40 -19.98
C ASP A 128 8.10 9.90 -20.27
N ARG A 129 9.16 9.28 -19.73
CA ARG A 129 9.45 7.84 -19.78
C ARG A 129 8.33 7.03 -19.12
N PHE A 130 8.00 7.37 -17.85
CA PHE A 130 6.93 6.72 -17.08
C PHE A 130 5.61 6.70 -17.85
N LYS A 131 5.24 7.88 -18.38
CA LYS A 131 3.98 8.09 -19.07
C LYS A 131 3.88 7.26 -20.35
N VAL A 132 4.97 7.21 -21.13
CA VAL A 132 5.14 6.36 -22.31
C VAL A 132 4.89 4.89 -21.95
N GLU A 133 5.58 4.40 -20.92
CA GLU A 133 5.56 2.99 -20.53
C GLU A 133 4.20 2.57 -19.98
N ARG A 134 3.54 3.44 -19.19
CA ARG A 134 2.22 3.21 -18.60
C ARG A 134 1.15 3.11 -19.69
N ARG A 135 1.08 4.12 -20.56
CA ARG A 135 0.16 4.22 -21.70
C ARG A 135 0.26 3.02 -22.65
N ALA A 136 1.48 2.49 -22.86
CA ALA A 136 1.75 1.35 -23.72
C ALA A 136 1.61 0.00 -23.02
N ARG A 137 1.54 -0.02 -21.67
CA ARG A 137 1.69 -1.18 -20.77
C ARG A 137 2.94 -2.01 -21.15
N LYS A 138 4.07 -1.33 -21.43
CA LYS A 138 5.21 -1.93 -22.08
C LYS A 138 6.45 -1.09 -21.84
N SER A 139 7.53 -1.79 -21.43
CA SER A 139 8.92 -1.31 -21.40
C SER A 139 9.35 -0.91 -22.81
N MET A 140 9.90 0.31 -22.92
CA MET A 140 10.34 0.91 -24.18
C MET A 140 11.74 1.53 -24.08
N TYR A 141 12.43 1.28 -22.95
CA TYR A 141 13.73 1.84 -22.63
C TYR A 141 14.66 0.69 -22.26
N GLY A 142 15.92 0.86 -22.71
CA GLY A 142 16.99 -0.11 -22.57
C GLY A 142 17.89 0.18 -21.39
N LEU A 143 19.20 0.16 -21.68
CA LEU A 143 20.28 0.42 -20.73
C LEU A 143 20.25 1.84 -20.19
N TYR A 144 20.72 1.96 -18.94
CA TYR A 144 20.99 3.20 -18.22
C TYR A 144 21.74 4.15 -19.15
N ARG A 145 21.09 5.29 -19.44
CA ARG A 145 21.65 6.41 -20.21
C ARG A 145 22.08 6.01 -21.63
N ASN A 146 21.42 4.99 -22.23
CA ASN A 146 21.74 4.56 -23.59
C ASN A 146 20.51 4.64 -24.50
N PRO A 147 20.19 5.82 -25.10
CA PRO A 147 19.18 5.97 -26.15
C PRO A 147 19.28 5.05 -27.37
N TYR A 148 20.49 4.56 -27.72
CA TYR A 148 20.70 3.59 -28.79
C TYR A 148 20.03 2.25 -28.48
N THR A 149 19.74 1.96 -27.19
CA THR A 149 19.06 0.74 -26.71
C THR A 149 17.59 0.99 -26.32
N HIS A 150 17.07 2.22 -26.51
CA HIS A 150 15.64 2.51 -26.37
C HIS A 150 14.93 2.18 -27.68
N HIS A 151 13.61 1.92 -27.62
CA HIS A 151 12.71 1.81 -28.76
C HIS A 151 12.87 3.05 -29.68
N PRO A 152 12.97 2.89 -31.04
CA PRO A 152 13.18 4.03 -31.96
C PRO A 152 12.27 5.24 -31.78
N CYS A 153 11.01 4.99 -31.40
CA CYS A 153 9.97 5.99 -31.17
C CYS A 153 10.26 6.92 -29.98
N VAL A 154 11.14 6.50 -29.04
CA VAL A 154 11.34 7.21 -27.77
C VAL A 154 12.78 7.75 -27.63
N ARG A 155 13.61 7.59 -28.68
CA ARG A 155 15.04 7.88 -28.60
C ARG A 155 15.32 9.36 -28.31
N GLN A 156 14.43 10.24 -28.81
CA GLN A 156 14.54 11.68 -28.65
C GLN A 156 13.68 12.25 -27.51
N THR A 157 13.33 11.40 -26.53
CA THR A 157 12.64 11.79 -25.30
C THR A 157 13.67 12.13 -24.22
N VAL A 158 13.21 12.88 -23.19
CA VAL A 158 13.86 12.89 -21.88
C VAL A 158 13.70 11.48 -21.27
N GLU A 159 14.85 10.83 -21.00
CA GLU A 159 14.95 9.42 -20.60
C GLU A 159 15.16 9.23 -19.09
N SER A 160 15.23 10.35 -18.34
CA SER A 160 15.31 10.39 -16.88
C SER A 160 14.13 9.67 -16.23
N THR A 161 14.48 8.83 -15.23
CA THR A 161 13.52 8.21 -14.31
C THR A 161 13.33 9.00 -13.02
N ALA A 162 14.03 10.15 -12.86
CA ALA A 162 13.85 11.11 -11.75
C ALA A 162 13.78 10.40 -10.40
N ASN A 163 14.83 9.64 -10.04
CA ASN A 163 14.74 8.61 -8.99
C ASN A 163 15.78 8.76 -7.87
N THR A 164 16.58 9.84 -7.89
CA THR A 164 17.83 9.90 -7.14
C THR A 164 17.70 10.69 -5.83
N ASN A 165 17.19 11.93 -5.91
CA ASN A 165 17.17 12.88 -4.80
C ASN A 165 16.02 13.88 -4.99
N VAL A 166 15.66 14.57 -3.89
CA VAL A 166 14.61 15.58 -3.81
C VAL A 166 15.18 16.86 -3.21
N VAL A 167 14.53 17.99 -3.53
CA VAL A 167 14.85 19.30 -2.98
C VAL A 167 13.60 20.18 -3.02
N MET A 168 13.46 20.98 -1.95
CA MET A 168 12.56 22.11 -1.89
C MET A 168 13.38 23.41 -1.94
N HIS A 169 13.19 24.15 -3.03
CA HIS A 169 13.90 25.39 -3.30
C HIS A 169 12.95 26.39 -3.91
N ALA A 170 12.94 27.62 -3.34
CA ALA A 170 12.12 28.76 -3.77
C ALA A 170 10.65 28.34 -3.95
N GLY A 171 10.13 27.60 -2.94
CA GLY A 171 8.76 27.09 -2.85
C GLY A 171 8.42 26.04 -3.91
N ARG A 172 9.44 25.39 -4.51
CA ARG A 172 9.28 24.41 -5.58
C ARG A 172 9.93 23.09 -5.16
N PHE A 173 9.16 22.00 -5.32
CA PHE A 173 9.57 20.64 -4.96
C PHE A 173 9.93 19.86 -6.22
N LEU A 174 11.19 19.38 -6.25
CA LEU A 174 11.88 18.79 -7.39
C LEU A 174 12.26 17.35 -7.08
N ALA A 175 12.00 16.47 -8.06
CA ALA A 175 12.55 15.13 -8.17
C ALA A 175 13.65 15.16 -9.24
N MET A 176 14.81 14.59 -8.91
CA MET A 176 16.06 14.82 -9.65
C MET A 176 16.72 13.48 -10.03
N LYS A 177 17.40 13.52 -11.18
CA LYS A 177 18.30 12.51 -11.70
C LYS A 177 19.22 13.19 -12.70
N GLU A 178 20.52 12.84 -12.63
CA GLU A 178 21.63 13.56 -13.26
C GLU A 178 21.59 13.60 -14.80
N ASN A 179 20.80 12.73 -15.46
CA ASN A 179 20.70 12.64 -16.92
C ASN A 179 19.60 13.54 -17.49
N GLY A 180 19.03 14.44 -16.68
CA GLY A 180 18.04 15.42 -17.11
C GLY A 180 17.84 16.54 -16.08
N ASN A 181 17.05 17.54 -16.50
CA ASN A 181 16.47 18.50 -15.57
C ASN A 181 15.47 17.79 -14.65
N ALA A 182 15.22 18.43 -13.51
CA ALA A 182 14.26 17.96 -12.52
C ALA A 182 12.83 18.00 -13.04
N TYR A 183 12.00 17.09 -12.50
CA TYR A 183 10.55 17.19 -12.57
C TYR A 183 10.02 17.77 -11.26
N GLU A 184 9.08 18.72 -11.42
CA GLU A 184 8.38 19.38 -10.33
C GLU A 184 7.13 18.57 -9.96
N MET A 185 6.94 18.47 -8.64
CA MET A 185 5.82 17.78 -8.02
C MET A 185 5.17 18.70 -6.98
N ASP A 186 3.83 18.58 -6.88
CA ASP A 186 3.07 19.14 -5.76
C ASP A 186 3.56 18.51 -4.45
N PRO A 187 3.90 19.31 -3.39
CA PRO A 187 4.44 18.75 -2.15
C PRO A 187 3.48 17.94 -1.27
N HIS A 188 2.17 17.94 -1.61
CA HIS A 188 1.10 17.37 -0.80
C HIS A 188 0.45 16.17 -1.50
N THR A 189 0.06 16.36 -2.77
CA THR A 189 -0.55 15.31 -3.58
C THR A 189 0.51 14.47 -4.30
N LEU A 190 1.74 14.99 -4.46
CA LEU A 190 2.83 14.41 -5.26
C LEU A 190 2.52 14.31 -6.76
N LYS A 191 1.47 15.02 -7.23
CA LYS A 191 1.14 15.19 -8.64
C LYS A 191 2.29 15.92 -9.35
N THR A 192 2.70 15.37 -10.51
CA THR A 192 3.70 15.96 -11.40
C THR A 192 3.10 17.19 -12.09
N LEU A 193 3.86 18.28 -12.04
CA LEU A 193 3.44 19.61 -12.45
C LEU A 193 4.13 20.08 -13.74
N GLY A 194 5.36 19.58 -13.96
CA GLY A 194 6.15 19.92 -15.13
C GLY A 194 7.60 19.48 -15.07
N TYR A 195 8.35 19.94 -16.08
CA TYR A 195 9.76 19.65 -16.28
C TYR A 195 10.51 20.97 -16.34
N ASN A 196 11.71 20.95 -15.71
CA ASN A 196 12.71 22.02 -15.74
C ASN A 196 12.11 23.31 -15.13
N PRO A 197 11.57 23.33 -13.87
CA PRO A 197 10.91 24.50 -13.30
C PRO A 197 11.75 25.79 -13.25
N PHE A 198 13.07 25.66 -13.04
CA PHE A 198 14.01 26.80 -13.01
C PHE A 198 14.47 27.25 -14.41
N ASN A 199 14.09 26.49 -15.46
CA ASN A 199 14.36 26.77 -16.86
C ASN A 199 15.87 26.86 -17.13
N LEU A 200 16.60 25.85 -16.61
CA LEU A 200 18.05 25.74 -16.77
C LEU A 200 18.41 25.49 -18.24
N PRO A 201 19.46 26.17 -18.83
CA PRO A 201 19.79 26.02 -20.24
C PRO A 201 20.49 24.72 -20.65
N SER A 202 21.07 24.01 -19.67
CA SER A 202 21.69 22.69 -19.85
C SER A 202 20.62 21.63 -20.09
N LYS A 203 21.05 20.51 -20.69
CA LYS A 203 20.22 19.31 -20.86
C LYS A 203 20.04 18.54 -19.55
N THR A 204 20.90 18.82 -18.55
CA THR A 204 21.02 18.03 -17.33
C THR A 204 21.07 18.98 -16.12
N MET A 205 20.76 18.41 -14.96
CA MET A 205 21.04 18.96 -13.63
C MET A 205 21.40 17.80 -12.71
N THR A 206 22.47 18.00 -11.91
CA THR A 206 22.85 17.15 -10.78
C THR A 206 21.64 16.82 -9.90
N ALA A 207 21.67 15.62 -9.31
CA ALA A 207 20.79 15.27 -8.21
C ALA A 207 21.39 15.64 -6.86
N HIS A 208 22.59 16.23 -6.88
CA HIS A 208 23.28 16.70 -5.70
C HIS A 208 23.52 18.21 -5.71
N PRO A 209 22.51 19.12 -5.87
CA PRO A 209 22.72 20.53 -5.55
C PRO A 209 22.81 20.74 -4.04
N LYS A 210 23.44 21.85 -3.64
CA LYS A 210 23.65 22.18 -2.24
C LYS A 210 23.00 23.53 -1.96
N GLN A 211 22.19 23.55 -0.88
CA GLN A 211 21.53 24.77 -0.42
C GLN A 211 22.45 25.46 0.58
N CYS A 212 23.12 26.53 0.10
CA CYS A 212 24.03 27.42 0.83
C CYS A 212 23.32 28.04 2.03
N SER A 213 23.88 27.85 3.23
CA SER A 213 23.37 28.40 4.48
C SER A 213 23.60 29.91 4.61
N VAL A 214 24.52 30.46 3.78
CA VAL A 214 24.87 31.88 3.75
C VAL A 214 23.89 32.63 2.85
N THR A 215 23.81 32.22 1.57
CA THR A 215 23.08 32.95 0.54
C THR A 215 21.64 32.44 0.37
N GLY A 216 21.36 31.21 0.82
CA GLY A 216 20.15 30.49 0.48
C GLY A 216 20.10 29.98 -0.98
N ASN A 217 21.21 30.11 -1.76
CA ASN A 217 21.29 29.70 -3.15
C ASN A 217 21.31 28.19 -3.25
N LEU A 218 20.61 27.69 -4.28
CA LEU A 218 20.74 26.34 -4.83
C LEU A 218 21.95 26.32 -5.76
N VAL A 219 23.02 25.69 -5.27
CA VAL A 219 24.31 25.67 -5.95
C VAL A 219 24.48 24.27 -6.52
N GLY A 220 24.69 24.23 -7.84
CA GLY A 220 24.93 22.97 -8.51
C GLY A 220 25.47 23.16 -9.92
N PHE A 221 25.29 22.06 -10.67
CA PHE A 221 25.88 21.84 -11.98
C PHE A 221 25.02 20.87 -12.77
N GLY A 222 25.33 20.77 -14.06
CA GLY A 222 24.94 19.67 -14.93
C GLY A 222 26.13 19.31 -15.81
N TYR A 223 26.52 18.03 -15.78
CA TYR A 223 27.52 17.49 -16.72
C TYR A 223 26.78 16.80 -17.87
N GLU A 224 27.53 16.44 -18.93
CA GLU A 224 27.00 16.08 -20.24
C GLU A 224 25.94 17.11 -20.70
N ALA A 225 26.30 18.39 -20.52
CA ALA A 225 25.34 19.50 -20.51
C ALA A 225 24.78 19.78 -21.91
N LYS A 226 25.48 19.27 -22.95
CA LYS A 226 25.19 19.43 -24.38
C LYS A 226 24.79 18.12 -25.06
N GLY A 227 24.55 17.06 -24.29
CA GLY A 227 24.10 15.80 -24.87
C GLY A 227 25.01 14.65 -24.46
N LEU A 228 24.65 13.46 -24.98
CA LEU A 228 25.30 12.19 -24.71
C LEU A 228 26.80 12.27 -25.01
N ALA A 229 27.60 11.96 -23.98
CA ALA A 229 29.07 11.86 -23.95
C ALA A 229 29.79 13.21 -24.07
N THR A 230 29.08 14.35 -24.00
CA THR A 230 29.66 15.70 -24.06
C THR A 230 30.43 15.98 -22.77
N LYS A 231 31.55 16.70 -22.92
CA LYS A 231 32.46 17.01 -21.81
C LYS A 231 32.03 18.27 -21.05
N ASP A 232 31.04 18.99 -21.61
CA ASP A 232 30.52 20.25 -21.10
C ASP A 232 29.89 20.07 -19.73
N VAL A 233 30.20 21.05 -18.86
CA VAL A 233 29.65 21.20 -17.52
C VAL A 233 29.13 22.63 -17.42
N TYR A 234 27.86 22.76 -16.97
CA TYR A 234 27.24 24.03 -16.63
C TYR A 234 27.14 24.12 -15.11
N TYR A 235 27.79 25.14 -14.53
CA TYR A 235 27.64 25.55 -13.13
C TYR A 235 26.54 26.60 -13.01
N PHE A 236 25.76 26.57 -11.91
CA PHE A 236 24.71 27.55 -11.65
C PHE A 236 24.56 27.82 -10.15
N GLU A 237 23.98 28.98 -9.83
CA GLU A 237 23.47 29.30 -8.50
C GLU A 237 22.09 29.94 -8.69
N VAL A 238 21.06 29.25 -8.15
CA VAL A 238 19.68 29.71 -8.17
C VAL A 238 19.40 30.35 -6.80
N ASP A 239 18.99 31.63 -6.80
CA ASP A 239 18.76 32.43 -5.59
C ASP A 239 17.49 31.96 -4.85
N PRO A 240 17.17 32.42 -3.59
CA PRO A 240 15.90 32.11 -2.93
C PRO A 240 14.59 32.48 -3.62
N SER A 241 14.66 33.35 -4.66
CA SER A 241 13.51 33.82 -5.42
C SER A 241 13.36 33.06 -6.75
N GLY A 242 14.26 32.08 -7.00
CA GLY A 242 14.19 31.17 -8.14
C GLY A 242 14.87 31.68 -9.42
N LYS A 243 15.74 32.70 -9.29
CA LYS A 243 16.50 33.33 -10.37
C LYS A 243 17.94 32.77 -10.39
N VAL A 244 18.45 32.47 -11.60
CA VAL A 244 19.86 32.11 -11.82
C VAL A 244 20.66 33.41 -11.71
N VAL A 245 21.53 33.50 -10.68
CA VAL A 245 22.27 34.70 -10.32
C VAL A 245 23.76 34.58 -10.67
N ARG A 246 24.26 33.33 -10.72
CA ARG A 246 25.62 32.99 -11.07
C ARG A 246 25.59 31.75 -11.93
N ASP A 247 26.41 31.77 -13.00
CA ASP A 247 26.62 30.61 -13.85
C ASP A 247 27.97 30.66 -14.56
N LEU A 248 28.35 29.53 -15.19
CA LEU A 248 29.56 29.34 -15.99
C LEU A 248 29.42 28.07 -16.82
N TRP A 249 29.82 28.17 -18.09
CA TRP A 249 30.11 27.05 -18.99
C TRP A 249 31.59 26.70 -18.92
N LEU A 250 31.85 25.41 -18.64
CA LEU A 250 33.18 24.82 -18.46
C LEU A 250 33.22 23.42 -19.09
N GLU A 251 34.35 22.71 -18.93
CA GLU A 251 34.49 21.31 -19.35
C GLU A 251 35.19 20.49 -18.29
N ALA A 252 34.86 19.19 -18.26
CA ALA A 252 35.58 18.17 -17.53
C ALA A 252 36.79 17.71 -18.37
N PRO A 253 37.92 17.22 -17.76
CA PRO A 253 39.06 16.69 -18.52
C PRO A 253 38.75 15.50 -19.46
N TRP A 254 37.82 14.64 -19.02
CA TRP A 254 37.14 13.65 -19.85
C TRP A 254 35.65 13.63 -19.48
N CYS A 255 34.82 12.93 -20.29
CA CYS A 255 33.42 12.75 -19.96
C CYS A 255 33.33 11.72 -18.82
N ALA A 256 33.30 12.27 -17.59
CA ALA A 256 33.37 11.57 -16.32
C ALA A 256 32.00 11.56 -15.64
N PHE A 257 31.84 10.60 -14.70
CA PHE A 257 30.64 10.43 -13.88
C PHE A 257 30.78 11.35 -12.67
N ILE A 258 30.17 12.55 -12.78
CA ILE A 258 30.24 13.59 -11.75
C ILE A 258 28.91 13.57 -10.99
N HIS A 259 28.81 12.58 -10.09
CA HIS A 259 27.60 12.31 -9.33
C HIS A 259 27.33 13.37 -8.25
N ASP A 260 28.37 13.68 -7.48
CA ASP A 260 28.30 14.50 -6.27
C ASP A 260 29.38 15.58 -6.32
N CYS A 261 29.33 16.48 -5.30
CA CYS A 261 30.07 17.71 -5.21
C CYS A 261 30.16 18.17 -3.74
N ALA A 262 30.94 19.23 -3.49
CA ALA A 262 31.04 19.85 -2.18
C ALA A 262 31.00 21.38 -2.31
N LEU A 263 30.25 21.98 -1.39
CA LEU A 263 30.06 23.41 -1.29
C LEU A 263 30.85 23.94 -0.09
N THR A 264 31.64 24.99 -0.36
CA THR A 264 32.44 25.72 0.61
C THR A 264 32.09 27.22 0.46
N PRO A 265 32.55 28.20 1.31
CA PRO A 265 32.26 29.63 1.07
C PRO A 265 32.59 30.16 -0.33
N ASN A 266 33.72 29.70 -0.91
CA ASN A 266 34.30 30.32 -2.11
C ASN A 266 34.26 29.42 -3.34
N TYR A 267 33.87 28.14 -3.19
CA TYR A 267 33.99 27.11 -4.22
C TYR A 267 32.78 26.18 -4.28
N LEU A 268 32.47 25.78 -5.53
CA LEU A 268 31.83 24.50 -5.83
C LEU A 268 32.91 23.54 -6.31
N VAL A 269 32.99 22.39 -5.61
CA VAL A 269 34.02 21.38 -5.87
C VAL A 269 33.31 20.15 -6.43
N LEU A 270 33.56 19.85 -7.72
CA LEU A 270 33.02 18.69 -8.43
C LEU A 270 33.92 17.48 -8.19
N MET A 271 33.29 16.30 -8.01
CA MET A 271 33.94 15.06 -7.67
C MET A 271 33.75 14.05 -8.83
N LEU A 272 34.84 13.76 -9.54
CA LEU A 272 34.85 12.90 -10.72
C LEU A 272 35.17 11.45 -10.34
N TRP A 273 34.19 10.57 -10.56
CA TRP A 273 34.38 9.12 -10.49
C TRP A 273 35.20 8.62 -11.69
N PRO A 274 36.05 7.57 -11.57
CA PRO A 274 36.82 7.02 -12.69
C PRO A 274 36.01 6.10 -13.62
N PHE A 275 34.96 6.68 -14.21
CA PHE A 275 34.18 6.11 -15.31
C PHE A 275 34.24 7.10 -16.46
N GLU A 276 34.29 6.54 -17.69
CA GLU A 276 34.31 7.30 -18.93
C GLU A 276 33.12 6.88 -19.79
N ALA A 277 32.46 7.89 -20.39
CA ALA A 277 31.42 7.67 -21.39
C ALA A 277 32.05 7.66 -22.79
N ASN A 278 31.50 6.77 -23.64
CA ASN A 278 31.98 6.53 -24.99
C ASN A 278 30.79 6.33 -25.91
N LEU A 279 30.64 7.27 -26.88
CA LEU A 279 29.52 7.30 -27.82
C LEU A 279 29.50 6.06 -28.72
N GLU A 280 30.68 5.62 -29.17
CA GLU A 280 30.86 4.44 -30.01
C GLU A 280 30.38 3.16 -29.32
N ARG A 281 30.76 2.99 -28.04
CA ARG A 281 30.32 1.86 -27.21
C ARG A 281 28.80 1.85 -27.05
N MET A 282 28.23 3.05 -26.85
CA MET A 282 26.79 3.27 -26.73
C MET A 282 26.06 2.80 -27.98
N LYS A 283 26.54 3.25 -29.16
CA LYS A 283 26.04 2.86 -30.48
C LYS A 283 26.04 1.34 -30.68
N ALA A 284 27.06 0.66 -30.15
CA ALA A 284 27.27 -0.79 -30.18
C ALA A 284 26.40 -1.55 -29.16
N GLY A 285 25.60 -0.82 -28.36
CA GLY A 285 24.66 -1.37 -27.40
C GLY A 285 25.31 -1.76 -26.07
N GLY A 286 26.51 -1.20 -25.79
CA GLY A 286 27.21 -1.30 -24.52
C GLY A 286 26.66 -0.28 -23.52
N HIS A 287 27.13 -0.40 -22.27
CA HIS A 287 26.82 0.53 -21.18
C HIS A 287 27.37 1.93 -21.46
N HIS A 288 26.61 2.96 -21.02
CA HIS A 288 26.98 4.37 -21.04
C HIS A 288 28.38 4.57 -20.43
N TRP A 289 28.58 4.02 -19.22
CA TRP A 289 29.80 4.12 -18.43
C TRP A 289 30.61 2.83 -18.49
N ALA A 290 31.94 3.00 -18.53
CA ALA A 290 32.87 1.93 -18.17
C ALA A 290 33.85 2.46 -17.13
N TYR A 291 34.02 1.68 -16.04
CA TYR A 291 35.03 1.91 -15.01
C TYR A 291 36.41 1.83 -15.65
N ASP A 292 37.28 2.75 -15.25
CA ASP A 292 38.62 2.85 -15.80
C ASP A 292 39.64 2.98 -14.67
N TYR A 293 40.38 1.88 -14.43
CA TYR A 293 41.49 1.78 -13.49
C TYR A 293 42.61 2.81 -13.71
N THR A 294 42.78 3.31 -14.95
CA THR A 294 43.82 4.27 -15.29
C THR A 294 43.44 5.71 -14.90
N LYS A 295 42.13 5.98 -14.69
CA LYS A 295 41.65 7.30 -14.28
C LYS A 295 41.87 7.50 -12.78
N PRO A 296 42.57 8.59 -12.33
CA PRO A 296 42.54 8.98 -10.92
C PRO A 296 41.21 9.66 -10.55
N ILE A 297 40.85 9.58 -9.25
CA ILE A 297 39.88 10.50 -8.62
C ILE A 297 40.31 11.91 -8.97
N THR A 298 39.40 12.66 -9.61
CA THR A 298 39.66 14.01 -10.09
C THR A 298 38.64 14.96 -9.47
N TRP A 299 39.10 16.18 -9.15
CA TRP A 299 38.29 17.25 -8.58
C TRP A 299 38.38 18.48 -9.48
N ILE A 300 37.22 19.12 -9.74
CA ILE A 300 37.12 20.41 -10.42
C ILE A 300 36.73 21.46 -9.38
N THR A 301 37.65 22.42 -9.11
CA THR A 301 37.38 23.58 -8.25
C THR A 301 36.84 24.70 -9.14
N ILE A 302 35.62 25.15 -8.82
CA ILE A 302 34.96 26.26 -9.50
C ILE A 302 34.83 27.41 -8.46
N PRO A 303 35.60 28.53 -8.58
CA PRO A 303 35.34 29.73 -7.79
C PRO A 303 33.91 30.23 -7.99
N ARG A 304 33.18 30.39 -6.88
CA ARG A 304 31.79 30.78 -6.88
C ARG A 304 31.70 32.20 -7.46
N GLY A 305 30.79 32.34 -8.45
CA GLY A 305 30.66 33.54 -9.25
C GLY A 305 31.85 33.80 -10.17
N ALA A 306 32.62 32.77 -10.56
CA ALA A 306 33.74 32.88 -11.52
C ALA A 306 33.27 33.57 -12.81
N LYS A 307 34.12 34.47 -13.31
CA LYS A 307 33.82 35.24 -14.52
C LYS A 307 34.28 34.51 -15.78
N SER A 308 35.18 33.52 -15.62
CA SER A 308 35.84 32.82 -16.71
C SER A 308 36.11 31.37 -16.33
N LYS A 309 36.05 30.50 -17.36
CA LYS A 309 36.47 29.10 -17.28
C LYS A 309 37.96 28.97 -16.95
N ASP A 310 38.76 30.03 -17.16
CA ASP A 310 40.19 30.12 -16.81
C ASP A 310 40.46 29.98 -15.32
N GLU A 311 39.48 30.36 -14.49
CA GLU A 311 39.52 30.27 -13.03
C GLU A 311 39.43 28.83 -12.49
N VAL A 312 38.90 27.90 -13.30
CA VAL A 312 38.63 26.52 -12.94
C VAL A 312 39.96 25.75 -12.90
N LYS A 313 40.13 24.88 -11.88
CA LYS A 313 41.31 24.00 -11.76
C LYS A 313 40.91 22.54 -11.56
N TYR A 314 41.70 21.67 -12.21
CA TYR A 314 41.62 20.22 -12.10
C TYR A 314 42.70 19.70 -11.14
N TRP A 315 42.29 18.84 -10.22
CA TRP A 315 43.12 18.26 -9.17
C TRP A 315 42.98 16.74 -9.24
N HIS A 316 44.04 15.96 -8.96
CA HIS A 316 43.92 14.50 -9.04
C HIS A 316 44.60 13.79 -7.87
N TRP A 317 44.11 12.58 -7.58
CA TRP A 317 44.71 11.68 -6.60
C TRP A 317 45.12 10.37 -7.30
N LYS A 318 44.40 9.27 -7.03
CA LYS A 318 44.63 7.89 -7.48
C LYS A 318 43.27 7.29 -7.78
N ASN A 319 43.26 6.15 -8.47
CA ASN A 319 42.05 5.38 -8.75
C ASN A 319 41.37 4.94 -7.44
N GLY A 320 40.06 5.11 -7.44
CA GLY A 320 39.12 4.73 -6.39
C GLY A 320 37.76 5.36 -6.68
N MET A 321 36.77 5.06 -5.84
CA MET A 321 35.41 5.55 -6.01
C MET A 321 34.96 6.23 -4.71
N PRO A 322 35.03 7.59 -4.64
CA PRO A 322 34.41 8.35 -3.56
C PRO A 322 32.95 8.67 -3.91
N ILE A 323 32.00 7.97 -3.27
CA ILE A 323 30.64 7.90 -3.78
C ILE A 323 29.91 9.20 -3.46
N HIS A 324 29.88 9.56 -2.16
CA HIS A 324 29.17 10.71 -1.65
C HIS A 324 30.05 11.51 -0.67
N THR A 325 29.95 12.84 -0.78
CA THR A 325 30.47 13.80 0.18
C THR A 325 29.53 13.90 1.38
N ALA A 326 30.12 14.10 2.58
CA ALA A 326 29.39 14.61 3.74
C ALA A 326 29.08 16.08 3.46
N SER A 327 30.10 16.92 3.58
CA SER A 327 30.15 18.28 3.04
C SER A 327 31.60 18.73 2.92
N GLY A 328 31.78 20.02 2.61
CA GLY A 328 33.05 20.70 2.49
C GLY A 328 33.09 21.98 3.31
N PHE A 329 34.33 22.46 3.52
CA PHE A 329 34.60 23.77 4.12
C PHE A 329 36.00 24.29 3.72
N GLU A 330 36.25 25.55 4.07
CA GLU A 330 37.59 26.14 4.05
C GLU A 330 38.08 26.32 5.49
N ASP A 331 39.25 25.73 5.78
CA ASP A 331 39.92 25.84 7.07
C ASP A 331 40.54 27.25 7.23
N GLU A 332 41.12 27.50 8.42
CA GLU A 332 41.89 28.68 8.80
C GLU A 332 43.05 28.99 7.83
N GLN A 333 43.63 27.97 7.16
CA GLN A 333 44.73 28.10 6.19
C GLN A 333 44.22 28.33 4.76
N GLY A 334 42.89 28.41 4.58
CA GLY A 334 42.17 28.61 3.32
C GLY A 334 42.07 27.37 2.44
N ARG A 335 42.39 26.19 3.01
CA ARG A 335 42.40 24.91 2.30
C ARG A 335 40.99 24.33 2.30
N ILE A 336 40.62 23.67 1.18
CA ILE A 336 39.35 22.95 0.99
C ILE A 336 39.47 21.59 1.69
N ILE A 337 38.53 21.34 2.63
CA ILE A 337 38.40 20.13 3.41
C ILE A 337 37.05 19.49 3.04
N ILE A 338 37.10 18.25 2.53
CA ILE A 338 35.96 17.45 2.07
C ILE A 338 36.09 16.07 2.70
N ASP A 339 35.02 15.63 3.41
CA ASP A 339 34.84 14.24 3.80
C ASP A 339 33.94 13.51 2.83
N SER A 340 34.31 12.26 2.53
CA SER A 340 33.56 11.39 1.63
C SER A 340 33.70 9.93 2.05
N SER A 341 32.76 9.08 1.56
CA SER A 341 33.02 7.65 1.43
C SER A 341 34.17 7.42 0.46
N LEU A 342 34.91 6.32 0.65
CA LEU A 342 35.93 5.87 -0.28
C LEU A 342 35.92 4.35 -0.38
N VAL A 343 35.56 3.89 -1.59
CA VAL A 343 35.67 2.50 -2.02
C VAL A 343 36.92 2.41 -2.91
N HIS A 344 37.82 1.47 -2.58
CA HIS A 344 39.11 1.25 -3.25
C HIS A 344 38.93 0.37 -4.49
N GLY A 345 38.01 0.76 -5.38
CA GLY A 345 37.61 0.03 -6.58
C GLY A 345 36.16 0.36 -6.93
N ASN A 346 35.55 -0.48 -7.77
CA ASN A 346 34.26 -0.22 -8.40
C ASN A 346 33.12 -0.65 -7.48
N ALA A 347 32.40 0.34 -6.92
CA ALA A 347 31.18 0.11 -6.14
C ALA A 347 29.94 -0.13 -7.01
N PHE A 348 30.05 0.11 -8.33
CA PHE A 348 29.06 -0.22 -9.36
C PHE A 348 29.61 -1.31 -10.30
N PRO A 349 29.86 -2.60 -9.89
CA PRO A 349 30.42 -3.63 -10.79
C PRO A 349 29.60 -3.97 -12.05
N PHE A 350 28.30 -3.63 -12.03
CA PHE A 350 27.35 -3.69 -13.15
C PHE A 350 27.72 -2.73 -14.30
N PHE A 351 28.61 -1.74 -14.07
CA PHE A 351 29.26 -0.96 -15.13
C PHE A 351 30.74 -1.34 -15.22
N PRO A 352 31.11 -2.55 -15.77
CA PRO A 352 32.50 -3.00 -15.77
C PRO A 352 33.44 -2.19 -16.66
N PRO A 353 34.80 -2.41 -16.61
CA PRO A 353 35.68 -1.88 -17.64
C PRO A 353 35.41 -2.38 -19.05
N ASP A 354 35.85 -1.57 -20.04
CA ASP A 354 35.90 -1.89 -21.46
C ASP A 354 36.81 -3.09 -21.74
N SER A 355 38.10 -3.02 -21.32
CA SER A 355 39.11 -3.98 -21.74
C SER A 355 39.00 -5.28 -20.91
N ASP A 356 39.44 -6.38 -21.53
CA ASP A 356 39.48 -7.72 -20.96
C ASP A 356 40.39 -7.77 -19.73
N GLU A 357 41.54 -7.06 -19.85
CA GLU A 357 42.56 -6.91 -18.82
C GLU A 357 41.97 -6.24 -17.56
N GLN A 358 41.28 -5.11 -17.78
CA GLN A 358 40.68 -4.30 -16.71
C GLN A 358 39.50 -5.01 -16.05
N LYS A 359 38.75 -5.81 -16.84
CA LYS A 359 37.66 -6.66 -16.38
C LYS A 359 38.15 -7.66 -15.33
N LYS A 360 39.32 -8.28 -15.60
CA LYS A 360 40.00 -9.23 -14.72
C LYS A 360 40.43 -8.56 -13.41
N LYS A 361 40.86 -7.29 -13.47
CA LYS A 361 41.19 -6.47 -12.30
C LYS A 361 39.98 -6.31 -11.36
N GLN A 362 38.79 -6.05 -11.92
CA GLN A 362 37.54 -5.89 -11.17
C GLN A 362 37.18 -7.16 -10.41
N GLU A 363 37.27 -8.30 -11.12
CA GLU A 363 37.10 -9.65 -10.57
C GLU A 363 38.06 -9.91 -9.42
N ALA A 364 39.34 -9.53 -9.59
CA ALA A 364 40.41 -9.68 -8.61
C ALA A 364 40.20 -8.85 -7.35
N ASP A 365 39.62 -7.63 -7.53
CA ASP A 365 39.36 -6.68 -6.46
C ASP A 365 38.30 -7.20 -5.50
N GLY A 366 37.34 -7.99 -6.03
CA GLY A 366 36.18 -8.54 -5.32
C GLY A 366 35.33 -7.42 -4.72
N THR A 367 35.02 -7.56 -3.43
CA THR A 367 34.47 -6.49 -2.60
C THR A 367 35.65 -5.62 -2.17
N PRO A 368 35.83 -4.35 -2.67
CA PRO A 368 36.97 -3.52 -2.29
C PRO A 368 36.86 -3.02 -0.86
N LYS A 369 37.99 -2.61 -0.28
CA LYS A 369 38.08 -1.86 0.97
C LYS A 369 37.22 -0.59 0.87
N ALA A 370 36.46 -0.33 1.95
CA ALA A 370 35.51 0.76 2.03
C ALA A 370 35.64 1.49 3.37
N GLN A 371 35.89 2.81 3.28
CA GLN A 371 36.20 3.70 4.39
C GLN A 371 35.46 5.04 4.22
N PHE A 372 35.51 5.85 5.30
CA PHE A 372 35.15 7.26 5.33
C PHE A 372 36.43 8.06 5.53
N VAL A 373 36.65 9.06 4.65
CA VAL A 373 37.94 9.69 4.41
C VAL A 373 37.83 11.22 4.35
N ARG A 374 38.96 11.92 4.61
CA ARG A 374 39.10 13.37 4.57
C ARG A 374 40.15 13.78 3.55
N TRP A 375 39.70 14.63 2.60
CA TRP A 375 40.48 15.22 1.52
C TRP A 375 40.91 16.63 1.91
N THR A 376 42.14 16.99 1.50
CA THR A 376 42.70 18.35 1.59
C THR A 376 43.09 18.79 0.19
N ILE A 377 42.41 19.85 -0.28
CA ILE A 377 42.71 20.54 -1.54
C ILE A 377 43.10 21.97 -1.19
N ASP A 378 44.42 22.25 -1.23
CA ASP A 378 44.91 23.62 -1.06
C ASP A 378 44.87 24.35 -2.40
N PRO A 379 43.95 25.35 -2.62
CA PRO A 379 43.79 25.99 -3.93
C PRO A 379 44.98 26.82 -4.43
N ARG A 380 45.97 27.07 -3.55
CA ARG A 380 47.20 27.81 -3.81
C ARG A 380 48.33 26.93 -4.32
N LYS A 381 48.22 25.60 -4.13
CA LYS A 381 49.20 24.61 -4.58
C LYS A 381 49.10 24.47 -6.10
N ASP A 382 50.16 23.88 -6.70
CA ASP A 382 50.17 23.42 -8.07
C ASP A 382 49.20 22.24 -8.22
N ASN A 383 48.19 22.44 -9.08
CA ASN A 383 47.11 21.49 -9.36
C ASN A 383 47.58 20.34 -10.27
N ASN A 384 48.72 20.52 -10.98
CA ASN A 384 49.36 19.44 -11.75
C ASN A 384 49.98 18.37 -10.86
N GLU A 385 50.35 18.74 -9.61
CA GLU A 385 50.94 17.83 -8.64
C GLU A 385 49.82 17.04 -7.95
N GLN A 386 50.04 15.71 -7.85
CA GLN A 386 49.19 14.74 -7.14
C GLN A 386 48.88 15.22 -5.72
N LEU A 387 47.58 15.17 -5.38
CA LEU A 387 47.04 15.50 -4.06
C LEU A 387 47.60 14.54 -2.99
N PRO A 388 47.77 14.96 -1.69
CA PRO A 388 48.11 14.02 -0.62
C PRO A 388 47.05 12.95 -0.41
N ASP A 389 47.49 11.75 0.03
CA ASP A 389 46.64 10.62 0.39
C ASP A 389 45.60 11.07 1.42
N PRO A 390 44.28 10.70 1.29
CA PRO A 390 43.27 11.13 2.25
C PRO A 390 43.49 10.50 3.64
N GLU A 391 42.99 11.18 4.67
CA GLU A 391 42.99 10.68 6.03
C GLU A 391 41.79 9.74 6.22
N VAL A 392 42.08 8.55 6.78
CA VAL A 392 41.08 7.57 7.19
C VAL A 392 40.42 8.11 8.47
N ILE A 393 39.13 8.45 8.36
CA ILE A 393 38.29 8.95 9.45
C ILE A 393 37.58 7.78 10.16
N LEU A 394 36.91 6.91 9.37
CA LEU A 394 36.31 5.66 9.84
C LEU A 394 36.82 4.54 8.94
N ASP A 395 37.44 3.54 9.60
CA ASP A 395 37.84 2.30 8.95
C ASP A 395 36.70 1.29 8.97
N THR A 396 35.53 1.71 8.44
CA THR A 396 34.34 0.91 8.33
C THR A 396 33.62 1.25 7.02
N PRO A 397 33.00 0.29 6.27
CA PRO A 397 32.16 0.64 5.13
C PRO A 397 31.07 1.64 5.50
N SER A 398 31.09 2.75 4.75
CA SER A 398 30.38 4.00 5.03
C SER A 398 29.77 4.50 3.73
N GLU A 399 28.50 4.93 3.81
CA GLU A 399 27.77 5.48 2.68
C GLU A 399 26.69 6.45 3.14
N PHE A 400 26.05 7.12 2.16
CA PHE A 400 24.92 8.04 2.33
C PHE A 400 25.13 9.00 3.52
N PRO A 401 26.24 9.79 3.63
CA PRO A 401 26.35 10.79 4.68
C PRO A 401 25.44 12.00 4.44
N GLN A 402 24.91 12.53 5.55
CA GLN A 402 24.26 13.83 5.62
C GLN A 402 24.86 14.63 6.78
N ILE A 403 24.60 15.94 6.76
CA ILE A 403 25.08 16.88 7.76
C ILE A 403 23.90 17.62 8.42
N ASP A 404 24.22 18.52 9.36
CA ASP A 404 23.35 19.62 9.79
C ASP A 404 23.42 20.73 8.76
N ASN A 405 22.35 20.86 7.96
CA ASN A 405 22.27 21.73 6.80
C ASN A 405 22.29 23.23 7.13
N ARG A 406 22.10 23.59 8.41
CA ARG A 406 22.37 24.92 8.94
C ARG A 406 23.85 25.32 8.80
N PHE A 407 24.72 24.32 8.51
CA PHE A 407 26.16 24.46 8.31
C PHE A 407 26.56 24.15 6.87
N MET A 408 25.60 24.12 5.93
CA MET A 408 25.88 23.80 4.53
C MET A 408 26.61 24.96 3.86
N GLY A 409 27.79 24.64 3.31
CA GLY A 409 28.67 25.57 2.61
C GLY A 409 29.52 26.44 3.54
N VAL A 410 29.52 26.10 4.85
CA VAL A 410 30.39 26.66 5.89
C VAL A 410 31.02 25.50 6.67
N GLU A 411 31.94 25.82 7.59
CA GLU A 411 32.54 24.88 8.54
C GLU A 411 31.44 24.08 9.27
N TYR A 412 31.55 22.75 9.19
CA TYR A 412 30.66 21.79 9.82
C TYR A 412 31.50 20.79 10.62
N SER A 413 30.83 20.05 11.52
CA SER A 413 31.42 19.12 12.47
C SER A 413 30.67 17.78 12.47
N SER A 414 29.32 17.81 12.57
CA SER A 414 28.44 16.65 12.59
C SER A 414 28.33 16.03 11.20
N ALA A 415 28.53 14.70 11.14
CA ALA A 415 28.11 13.87 10.00
C ALA A 415 27.29 12.67 10.48
N PHE A 416 26.18 12.43 9.78
CA PHE A 416 25.30 11.29 9.97
C PHE A 416 25.50 10.33 8.80
N ILE A 417 26.05 9.15 9.11
CA ILE A 417 26.63 8.26 8.11
C ILE A 417 25.92 6.91 8.21
N ASN A 418 25.49 6.38 7.05
CA ASN A 418 24.97 5.01 6.88
C ASN A 418 26.17 4.08 6.88
N VAL A 419 26.17 3.07 7.78
CA VAL A 419 27.38 2.29 8.08
C VAL A 419 27.11 0.78 8.07
N PHE A 420 28.17 0.00 7.76
CA PHE A 420 28.33 -1.37 8.23
C PHE A 420 28.84 -1.29 9.66
N VAL A 421 28.05 -1.84 10.62
CA VAL A 421 28.34 -1.74 12.05
C VAL A 421 29.57 -2.61 12.35
N PRO A 422 30.69 -2.04 12.92
CA PRO A 422 31.87 -2.85 13.32
C PRO A 422 31.49 -4.01 14.23
N ASP A 423 31.98 -5.22 13.86
CA ASP A 423 31.85 -6.51 14.55
C ASP A 423 30.42 -7.08 14.49
N ARG A 424 29.50 -6.44 13.72
CA ARG A 424 28.07 -6.72 13.71
C ARG A 424 27.51 -6.83 12.30
N SER A 425 28.39 -6.79 11.28
CA SER A 425 28.05 -6.72 9.87
C SER A 425 28.87 -7.69 9.03
N ASP A 426 28.50 -7.83 7.74
CA ASP A 426 29.09 -8.79 6.82
C ASP A 426 30.49 -8.33 6.39
N GLY A 427 30.57 -7.38 5.45
CA GLY A 427 31.87 -6.88 4.97
C GLY A 427 32.32 -7.50 3.65
N ASN A 428 31.86 -8.75 3.36
CA ASN A 428 31.87 -9.35 2.03
C ASN A 428 30.84 -8.73 1.08
N LYS A 429 29.83 -8.01 1.63
CA LYS A 429 28.79 -7.31 0.89
C LYS A 429 29.41 -6.08 0.20
N ASN A 430 28.98 -5.85 -1.07
CA ASN A 430 29.00 -4.55 -1.74
C ASN A 430 28.50 -3.46 -0.77
N VAL A 431 29.13 -2.28 -0.86
CA VAL A 431 28.96 -1.13 0.04
C VAL A 431 27.49 -0.73 0.24
N PHE A 432 26.64 -0.92 -0.80
CA PHE A 432 25.23 -0.53 -0.78
C PHE A 432 24.32 -1.57 -0.12
N GLN A 433 24.86 -2.77 0.20
CA GLN A 433 24.07 -3.97 0.45
C GLN A 433 24.19 -4.47 1.89
N GLY A 434 25.13 -3.92 2.69
CA GLY A 434 25.31 -4.36 4.07
C GLY A 434 25.11 -3.27 5.12
N LEU A 435 24.33 -2.21 4.77
CA LEU A 435 24.22 -1.01 5.60
C LEU A 435 23.19 -1.26 6.71
N ASN A 436 23.70 -1.60 7.91
CA ASN A 436 22.90 -2.11 9.01
C ASN A 436 22.96 -1.20 10.23
N GLY A 437 23.52 0.00 10.04
CA GLY A 437 23.61 0.98 11.10
C GLY A 437 23.83 2.42 10.64
N LEU A 438 23.91 3.26 11.68
CA LEU A 438 24.15 4.69 11.60
C LEU A 438 25.30 5.05 12.52
N ALA A 439 26.11 6.02 12.07
CA ALA A 439 27.15 6.68 12.84
C ALA A 439 26.88 8.18 12.91
N HIS A 440 27.00 8.72 14.13
CA HIS A 440 27.12 10.15 14.37
C HIS A 440 28.57 10.45 14.72
N TYR A 441 29.26 11.00 13.71
CA TYR A 441 30.62 11.51 13.82
C TYR A 441 30.57 13.00 14.11
N LYS A 442 31.43 13.44 15.04
CA LYS A 442 31.66 14.84 15.35
C LYS A 442 33.16 15.11 15.21
N ARG A 443 33.53 15.92 14.21
CA ARG A 443 34.91 16.31 13.92
C ARG A 443 35.57 17.01 15.11
N LYS A 444 34.90 18.04 15.67
CA LYS A 444 35.41 18.90 16.74
C LYS A 444 35.73 18.06 17.99
N GLU A 445 34.79 17.21 18.42
CA GLU A 445 34.94 16.31 19.56
C GLU A 445 35.85 15.11 19.23
N GLY A 446 35.93 14.72 17.94
CA GLY A 446 36.59 13.50 17.50
C GLY A 446 35.92 12.21 17.99
N THR A 447 34.59 12.26 18.19
CA THR A 447 33.78 11.16 18.74
C THR A 447 32.92 10.54 17.62
N THR A 448 32.69 9.22 17.74
CA THR A 448 31.71 8.50 16.93
C THR A 448 30.78 7.70 17.85
N GLU A 449 29.46 7.88 17.61
CA GLU A 449 28.37 7.14 18.25
C GLU A 449 27.65 6.27 17.20
N TRP A 450 27.13 5.12 17.66
CA TRP A 450 26.66 4.04 16.81
C TRP A 450 25.22 3.65 17.12
N TYR A 451 24.39 3.56 16.05
CA TYR A 451 23.03 3.01 16.07
C TYR A 451 23.03 1.71 15.25
N TYR A 452 22.56 0.62 15.87
CA TYR A 452 22.38 -0.65 15.18
C TYR A 452 20.93 -0.83 14.76
N ALA A 453 20.68 -1.14 13.47
CA ALA A 453 19.34 -1.27 12.89
C ALA A 453 18.55 -2.44 13.48
N GLY A 454 19.25 -3.52 13.90
CA GLY A 454 18.64 -4.76 14.40
C GLY A 454 19.11 -5.97 13.59
N ASP A 455 18.97 -7.18 14.19
CA ASP A 455 19.21 -8.44 13.49
C ASP A 455 18.17 -8.60 12.38
N ASN A 456 18.65 -9.07 11.20
CA ASN A 456 17.87 -9.24 9.95
C ASN A 456 17.24 -7.92 9.50
N CYS A 457 17.97 -6.80 9.72
CA CYS A 457 17.55 -5.46 9.38
C CYS A 457 18.64 -4.74 8.60
N LEU A 458 18.19 -3.92 7.65
CA LEU A 458 18.99 -2.89 7.00
C LEU A 458 18.39 -1.54 7.35
N ILE A 459 19.25 -0.50 7.29
CA ILE A 459 18.87 0.90 7.45
C ILE A 459 19.41 1.73 6.28
N GLN A 460 18.61 2.73 5.89
CA GLN A 460 18.88 3.60 4.76
C GLN A 460 19.41 4.94 5.28
N GLU A 461 19.63 5.89 4.34
CA GLU A 461 20.25 7.19 4.55
C GLU A 461 19.58 7.97 5.70
N PRO A 462 20.36 8.47 6.72
CA PRO A 462 19.81 9.34 7.74
C PRO A 462 19.54 10.75 7.24
N VAL A 463 18.53 11.39 7.85
CA VAL A 463 18.25 12.82 7.73
C VAL A 463 18.16 13.41 9.15
N PHE A 464 18.53 14.68 9.28
CA PHE A 464 18.55 15.40 10.54
C PHE A 464 17.55 16.56 10.54
N SER A 465 16.85 16.68 11.69
CA SER A 465 16.02 17.82 12.05
C SER A 465 16.53 18.40 13.38
N PRO A 466 16.89 19.73 13.45
CA PRO A 466 17.34 20.32 14.71
C PRO A 466 16.23 20.41 15.74
N ARG A 467 16.60 20.26 17.03
CA ARG A 467 15.70 20.32 18.19
C ARG A 467 14.84 21.59 18.17
N SER A 468 15.49 22.72 17.88
CA SER A 468 14.90 24.03 17.56
C SER A 468 15.89 24.75 16.64
N LYS A 469 15.45 25.89 16.08
CA LYS A 469 16.18 26.71 15.10
C LYS A 469 17.58 27.10 15.59
N ASP A 470 17.72 27.38 16.90
CA ASP A 470 18.95 27.86 17.52
C ASP A 470 19.65 26.80 18.37
N ALA A 471 19.22 25.52 18.29
CA ALA A 471 19.85 24.39 18.96
C ALA A 471 21.31 24.23 18.47
N PRO A 472 22.30 23.75 19.30
CA PRO A 472 23.67 23.47 18.84
C PRO A 472 23.72 22.53 17.63
N GLU A 473 24.83 22.61 16.88
CA GLU A 473 25.07 21.77 15.72
C GLU A 473 24.89 20.30 16.09
N GLY A 474 24.03 19.62 15.31
CA GLY A 474 23.80 18.18 15.42
C GLY A 474 23.00 17.78 16.65
N ASP A 475 22.30 18.76 17.26
CA ASP A 475 21.37 18.53 18.37
C ASP A 475 19.94 18.50 17.83
N GLY A 476 19.34 17.30 17.90
CA GLY A 476 17.97 17.09 17.49
C GLY A 476 17.69 15.62 17.24
N PHE A 477 17.07 15.39 16.07
CA PHE A 477 16.43 14.14 15.71
C PHE A 477 16.96 13.65 14.37
N VAL A 478 17.21 12.34 14.33
CA VAL A 478 17.66 11.59 13.16
C VAL A 478 16.57 10.60 12.78
N LEU A 479 16.20 10.63 11.49
CA LEU A 479 15.20 9.77 10.88
C LEU A 479 15.84 8.96 9.76
N ALA A 480 15.45 7.68 9.64
CA ALA A 480 15.90 6.75 8.62
C ALA A 480 14.89 5.62 8.42
N ILE A 481 14.85 5.07 7.18
CA ILE A 481 14.02 3.92 6.82
C ILE A 481 14.77 2.66 7.24
N VAL A 482 14.07 1.80 8.01
CA VAL A 482 14.53 0.49 8.41
C VAL A 482 13.76 -0.55 7.60
N ASP A 483 14.49 -1.49 6.97
CA ASP A 483 13.91 -2.69 6.37
C ASP A 483 13.87 -3.78 7.44
N ARG A 484 12.65 -4.19 7.82
CA ARG A 484 12.44 -5.28 8.76
C ARG A 484 12.31 -6.55 7.93
N LEU A 485 13.46 -7.15 7.58
CA LEU A 485 13.58 -8.14 6.51
C LEU A 485 12.77 -9.41 6.77
N ASP A 486 12.77 -9.88 8.02
CA ASP A 486 11.99 -11.07 8.36
C ASP A 486 10.50 -10.76 8.59
N LEU A 487 10.11 -9.47 8.62
CA LEU A 487 8.72 -9.04 8.77
C LEU A 487 8.05 -8.61 7.47
N ASN A 488 8.79 -8.42 6.35
CA ASN A 488 8.31 -7.85 5.08
C ASN A 488 7.62 -6.49 5.33
N ARG A 489 8.28 -5.63 6.13
CA ARG A 489 7.82 -4.27 6.42
C ARG A 489 8.97 -3.28 6.44
N SER A 490 8.61 -2.01 6.16
CA SER A 490 9.46 -0.84 6.33
C SER A 490 8.95 0.00 7.51
N GLU A 491 9.89 0.64 8.22
CA GLU A 491 9.64 1.54 9.34
C GLU A 491 10.48 2.80 9.23
N VAL A 492 10.00 3.90 9.83
CA VAL A 492 10.78 5.11 10.09
C VAL A 492 11.21 5.05 11.56
N VAL A 493 12.52 4.93 11.79
CA VAL A 493 13.12 5.08 13.10
C VAL A 493 13.32 6.57 13.39
N VAL A 494 13.09 6.97 14.67
CA VAL A 494 13.35 8.31 15.19
C VAL A 494 14.30 8.17 16.38
N ILE A 495 15.48 8.81 16.26
CA ILE A 495 16.58 8.81 17.23
C ILE A 495 16.80 10.25 17.71
N ASP A 496 16.80 10.44 19.04
CA ASP A 496 17.26 11.67 19.68
C ASP A 496 18.78 11.58 19.81
N THR A 497 19.47 12.64 19.36
CA THR A 497 20.93 12.73 19.33
C THR A 497 21.56 12.72 20.73
N ARG A 498 20.77 13.05 21.79
CA ARG A 498 21.18 12.95 23.19
C ARG A 498 21.54 11.51 23.59
N ASP A 499 20.86 10.51 22.96
CA ASP A 499 21.27 9.11 23.02
C ASP A 499 21.07 8.47 21.65
N PHE A 500 22.16 8.51 20.87
CA PHE A 500 22.25 8.04 19.50
C PHE A 500 22.05 6.53 19.38
N THR A 501 22.30 5.77 20.47
CA THR A 501 22.22 4.31 20.47
C THR A 501 20.77 3.79 20.48
N LYS A 502 19.79 4.68 20.81
CA LYS A 502 18.41 4.27 21.13
C LYS A 502 17.40 5.05 20.28
N ALA A 503 16.42 4.30 19.78
CA ALA A 503 15.24 4.88 19.15
C ALA A 503 14.25 5.36 20.21
N VAL A 504 13.71 6.57 19.98
CA VAL A 504 12.62 7.16 20.75
C VAL A 504 11.26 6.76 20.17
N ALA A 505 11.20 6.55 18.83
CA ALA A 505 9.96 6.31 18.11
C ALA A 505 10.18 5.48 16.85
N ALA A 506 9.12 4.79 16.41
CA ALA A 506 9.02 4.08 15.14
C ALA A 506 7.69 4.43 14.47
N VAL A 507 7.76 4.76 13.19
CA VAL A 507 6.63 4.93 12.29
C VAL A 507 6.50 3.59 11.54
N GLN A 508 5.41 2.86 11.83
CA GLN A 508 5.21 1.48 11.41
C GLN A 508 4.23 1.43 10.24
N LEU A 509 4.81 1.25 9.02
CA LEU A 509 4.06 0.91 7.81
C LEU A 509 3.48 -0.51 7.93
N PRO A 510 2.30 -0.82 7.32
CA PRO A 510 1.77 -2.19 7.27
C PRO A 510 2.42 -3.10 6.21
N PHE A 511 3.40 -2.55 5.49
CA PHE A 511 4.06 -3.14 4.33
C PHE A 511 5.51 -2.65 4.24
N ALA A 512 6.25 -3.26 3.29
CA ALA A 512 7.57 -2.81 2.88
C ALA A 512 7.48 -1.92 1.66
N ILE A 513 8.37 -0.91 1.63
CA ILE A 513 8.64 -0.08 0.45
C ILE A 513 10.01 -0.47 -0.09
N ARG A 514 10.32 -0.01 -1.30
CA ARG A 514 11.64 -0.17 -1.91
C ARG A 514 12.71 0.45 -1.03
N SER A 515 13.89 -0.19 -1.01
CA SER A 515 15.09 0.45 -0.51
C SER A 515 15.50 1.53 -1.51
N GLY A 516 15.58 2.77 -1.02
CA GLY A 516 15.73 3.94 -1.87
C GLY A 516 17.18 4.40 -2.04
N ILE A 517 17.29 5.63 -2.53
CA ILE A 517 18.57 6.27 -2.80
C ILE A 517 18.72 7.38 -1.76
N HIS A 518 18.27 8.61 -2.08
CA HIS A 518 18.31 9.73 -1.14
C HIS A 518 16.93 10.03 -0.60
N GLY A 519 16.93 10.68 0.56
CA GLY A 519 15.82 11.40 1.13
C GLY A 519 16.27 12.70 1.80
N GLN A 520 15.28 13.52 2.18
CA GLN A 520 15.50 14.84 2.78
C GLN A 520 14.45 15.11 3.86
N TRP A 521 14.92 15.70 4.97
CA TRP A 521 14.05 16.41 5.88
C TRP A 521 13.73 17.79 5.31
N ILE A 522 12.44 18.05 5.07
CA ILE A 522 11.96 19.33 4.55
C ILE A 522 11.09 19.93 5.65
N PRO A 523 11.53 21.00 6.38
CA PRO A 523 10.68 21.63 7.39
C PRO A 523 9.41 22.26 6.81
N GLY A 524 8.36 22.28 7.66
CA GLY A 524 7.07 22.89 7.38
C GLY A 524 7.15 24.32 6.83
N GLU A 525 8.04 25.12 7.43
CA GLU A 525 8.21 26.56 7.21
C GLU A 525 8.66 26.87 5.79
N VAL A 526 9.31 25.91 5.10
CA VAL A 526 9.81 26.08 3.74
C VAL A 526 8.83 25.48 2.72
N THR A 527 7.80 24.76 3.19
CA THR A 527 6.80 24.04 2.39
C THR A 527 5.61 24.97 2.20
N PRO A 528 5.26 25.45 0.96
CA PRO A 528 4.02 26.18 0.72
C PRO A 528 2.78 25.42 1.22
N ASP A 529 1.95 26.12 2.02
CA ASP A 529 0.62 25.70 2.47
C ASP A 529 0.64 24.48 3.40
N PHE A 530 1.79 24.26 4.08
CA PHE A 530 1.97 23.22 5.08
C PHE A 530 0.93 23.33 6.20
N GLU A 531 0.58 24.57 6.61
CA GLU A 531 -0.37 24.85 7.67
C GLU A 531 -1.81 24.50 7.29
N THR A 532 -2.14 24.41 5.99
CA THR A 532 -3.52 24.25 5.49
C THR A 532 -3.75 22.96 4.69
N LYS A 533 -2.67 22.28 4.24
CA LYS A 533 -2.76 21.08 3.41
C LYS A 533 -2.04 19.91 4.06
N GLY A 534 -2.73 18.76 4.14
CA GLY A 534 -2.14 17.48 4.49
C GLY A 534 -1.73 16.69 3.25
N LEU A 535 -1.10 15.53 3.48
CA LEU A 535 -0.80 14.53 2.46
C LEU A 535 -2.08 13.89 1.92
N VAL A 536 -3.16 13.88 2.73
CA VAL A 536 -4.44 13.25 2.45
C VAL A 536 -5.48 14.36 2.39
N ASP A 537 -6.24 14.40 1.29
CA ASP A 537 -7.39 15.30 1.16
C ASP A 537 -8.51 14.85 2.10
N LEU A 538 -8.95 15.79 2.94
CA LEU A 538 -10.01 15.56 3.91
C LEU A 538 -11.33 15.31 3.19
N PRO A 539 -12.17 14.32 3.62
CA PRO A 539 -13.55 14.24 3.15
C PRO A 539 -14.38 15.44 3.58
N LYS A 540 -15.50 15.66 2.87
CA LYS A 540 -16.41 16.78 3.12
C LYS A 540 -17.02 16.67 4.52
N GLU A 541 -17.32 17.83 5.11
CA GLU A 541 -17.95 17.97 6.41
C GLU A 541 -19.39 17.44 6.40
N GLU A 542 -20.21 17.91 5.42
CA GLU A 542 -21.64 17.66 5.33
C GLU A 542 -21.89 16.15 5.30
N HIS A 543 -22.87 15.69 6.09
CA HIS A 543 -23.35 14.32 6.10
C HIS A 543 -24.03 13.98 4.78
N TRP A 544 -23.76 12.77 4.26
CA TRP A 544 -24.51 12.14 3.17
C TRP A 544 -25.95 11.85 3.59
N ALA A 545 -26.14 11.26 4.78
CA ALA A 545 -27.44 10.75 5.22
C ALA A 545 -28.30 11.87 5.82
N PRO A 546 -29.64 11.91 5.57
CA PRO A 546 -30.54 12.80 6.32
C PRO A 546 -30.67 12.42 7.80
N LEU A 547 -31.05 13.40 8.62
CA LEU A 547 -31.23 13.28 10.08
C LEU A 547 -32.19 12.14 10.45
N SER A 548 -33.28 12.00 9.66
CA SER A 548 -34.33 10.98 9.78
C SER A 548 -33.80 9.55 9.71
N GLN A 549 -32.62 9.33 9.09
CA GLN A 549 -32.07 8.02 8.84
C GLN A 549 -31.34 7.43 10.05
N SER A 550 -31.11 8.23 11.11
CA SER A 550 -30.48 7.80 12.35
C SER A 550 -31.27 6.66 13.02
N PRO A 551 -30.61 5.56 13.50
CA PRO A 551 -31.28 4.58 14.36
C PRO A 551 -31.72 5.14 15.71
N TYR A 552 -31.02 6.18 16.18
CA TYR A 552 -31.20 6.85 17.46
C TYR A 552 -32.27 7.94 17.32
N ASP A 553 -33.20 7.89 18.29
CA ASP A 553 -34.22 8.88 18.58
C ASP A 553 -33.98 9.42 19.99
N PRO A 554 -33.72 10.75 20.19
CA PRO A 554 -33.56 11.34 21.53
C PRO A 554 -34.77 11.24 22.48
N ASP A 555 -35.97 10.93 21.93
CA ASP A 555 -37.20 10.73 22.70
C ASP A 555 -37.44 9.28 23.13
N ALA A 556 -36.77 8.31 22.47
CA ALA A 556 -36.95 6.87 22.68
C ALA A 556 -36.36 6.42 24.02
N TYR B 32 15.42 -13.64 19.81
CA TYR B 32 15.71 -12.22 19.45
C TYR B 32 14.47 -11.35 19.69
N VAL B 33 14.70 -10.22 20.40
CA VAL B 33 13.73 -9.14 20.61
C VAL B 33 14.32 -7.85 20.01
N HIS B 34 13.58 -7.26 19.07
CA HIS B 34 13.92 -5.97 18.47
C HIS B 34 13.67 -4.87 19.50
N PRO B 35 14.68 -4.01 19.84
CA PRO B 35 14.52 -2.90 20.79
C PRO B 35 13.33 -1.98 20.53
N THR B 36 13.01 -1.72 19.25
CA THR B 36 11.93 -0.81 18.84
C THR B 36 10.55 -1.45 19.01
N ASP B 37 10.50 -2.80 19.08
CA ASP B 37 9.28 -3.58 19.28
C ASP B 37 8.66 -3.42 20.67
N ILE B 38 9.47 -3.05 21.67
CA ILE B 38 9.02 -2.82 23.05
C ILE B 38 8.65 -1.34 23.30
N LEU B 39 8.73 -0.48 22.25
CA LEU B 39 8.20 0.89 22.31
C LEU B 39 6.67 0.84 22.33
N PRO B 40 5.95 1.58 23.24
CA PRO B 40 4.49 1.48 23.37
C PRO B 40 3.67 1.96 22.18
N SER B 41 2.62 1.17 21.87
CA SER B 41 1.55 1.51 20.94
C SER B 41 0.31 2.01 21.70
N GLY B 42 -0.36 3.01 21.10
CA GLY B 42 -1.68 3.51 21.51
C GLY B 42 -2.86 2.82 20.81
N TRP B 43 -2.62 1.82 19.95
CA TRP B 43 -3.68 1.07 19.29
C TRP B 43 -4.29 0.07 20.27
N PRO B 44 -5.65 -0.05 20.38
CA PRO B 44 -6.26 -1.28 20.91
C PRO B 44 -6.14 -2.44 19.94
N THR B 45 -6.43 -3.66 20.41
CA THR B 45 -6.47 -4.83 19.55
C THR B 45 -7.74 -4.75 18.68
N ALA B 46 -7.51 -4.49 17.38
CA ALA B 46 -8.58 -4.38 16.37
C ALA B 46 -8.53 -5.58 15.42
N THR B 47 -9.23 -6.66 15.84
CA THR B 47 -9.30 -7.92 15.08
C THR B 47 -10.23 -7.73 13.87
N ASP B 48 -9.98 -8.54 12.82
CA ASP B 48 -10.96 -8.91 11.80
C ASP B 48 -11.45 -10.32 12.11
N LEU B 49 -12.38 -10.84 11.28
CA LEU B 49 -13.03 -12.14 11.48
C LEU B 49 -12.05 -13.32 11.54
N SER B 50 -10.89 -13.22 10.85
CA SER B 50 -9.85 -14.26 10.88
C SER B 50 -9.14 -14.37 12.24
N GLY B 51 -9.30 -13.35 13.09
CA GLY B 51 -8.55 -13.19 14.33
C GLY B 51 -7.26 -12.37 14.13
N GLY B 52 -6.89 -12.08 12.87
CA GLY B 52 -5.77 -11.18 12.53
C GLY B 52 -5.98 -9.78 13.10
N ALA B 53 -4.89 -9.16 13.60
CA ALA B 53 -4.99 -7.91 14.36
C ALA B 53 -4.13 -6.75 13.80
N GLN B 54 -3.67 -6.86 12.54
CA GLN B 54 -2.80 -5.87 11.94
C GLN B 54 -3.61 -4.83 11.15
N PRO B 55 -3.72 -3.55 11.59
CA PRO B 55 -4.29 -2.48 10.76
C PRO B 55 -3.51 -2.28 9.47
N ARG B 56 -4.25 -2.10 8.36
CA ARG B 56 -3.70 -1.97 7.01
C ARG B 56 -3.90 -0.53 6.53
N ARG B 57 -5.14 -0.23 6.08
CA ARG B 57 -5.73 1.10 5.96
C ARG B 57 -5.21 1.84 4.73
N PHE B 58 -4.66 1.09 3.76
CA PHE B 58 -4.06 1.64 2.54
C PHE B 58 -5.19 2.06 1.60
N GLU B 59 -5.02 3.26 1.01
CA GLU B 59 -5.87 3.76 -0.05
C GLU B 59 -5.02 4.10 -1.27
N GLY B 60 -5.26 3.39 -2.37
CA GLY B 60 -4.62 3.66 -3.64
C GLY B 60 -4.60 2.44 -4.58
N THR B 61 -3.63 2.45 -5.50
CA THR B 61 -3.65 1.65 -6.73
C THR B 61 -2.31 0.92 -6.93
N ILE B 62 -2.38 -0.23 -7.61
CA ILE B 62 -1.28 -0.85 -8.36
C ILE B 62 -1.79 -1.08 -9.79
N PHE B 63 -1.08 -0.50 -10.75
CA PHE B 63 -1.28 -0.74 -12.17
C PHE B 63 -0.43 -1.96 -12.55
N ASP B 64 -1.09 -2.92 -13.20
CA ASP B 64 -0.45 -4.11 -13.77
C ASP B 64 0.18 -4.93 -12.64
N VAL B 65 -0.69 -5.44 -11.74
CA VAL B 65 -0.35 -6.31 -10.60
C VAL B 65 0.42 -7.52 -11.14
N MET B 66 1.53 -7.87 -10.46
CA MET B 66 2.32 -9.04 -10.77
C MET B 66 1.47 -10.29 -10.64
N THR B 67 1.54 -11.13 -11.69
CA THR B 67 0.80 -12.38 -11.78
C THR B 67 1.77 -13.56 -12.00
N ARG B 68 1.38 -14.73 -11.49
CA ARG B 68 2.07 -16.00 -11.72
C ARG B 68 1.14 -16.94 -12.47
N GLY B 69 1.68 -17.65 -13.48
CA GLY B 69 0.90 -18.46 -14.42
C GLY B 69 0.16 -17.60 -15.44
N THR B 70 -0.90 -18.16 -16.02
CA THR B 70 -1.70 -17.47 -17.04
C THR B 70 -3.08 -17.11 -16.49
N ILE B 71 -3.35 -15.80 -16.51
CA ILE B 71 -4.66 -15.20 -16.21
C ILE B 71 -5.63 -15.64 -17.31
N PRO B 72 -6.72 -16.42 -16.99
CA PRO B 72 -7.71 -16.81 -17.99
C PRO B 72 -8.28 -15.62 -18.76
N LYS B 73 -8.26 -15.77 -20.09
CA LYS B 73 -8.78 -14.76 -21.03
C LYS B 73 -10.29 -14.58 -20.90
N GLU B 74 -10.99 -15.61 -20.36
CA GLU B 74 -12.43 -15.64 -20.10
C GLU B 74 -12.83 -14.68 -18.96
N LEU B 75 -11.87 -14.28 -18.10
CA LEU B 75 -12.11 -13.30 -17.03
C LEU B 75 -12.18 -11.88 -17.61
N HIS B 76 -13.36 -11.26 -17.44
CA HIS B 76 -13.70 -9.94 -17.99
C HIS B 76 -14.62 -9.21 -17.01
N GLY B 77 -14.02 -8.58 -16.00
CA GLY B 77 -14.77 -8.04 -14.86
C GLY B 77 -13.87 -7.70 -13.68
N THR B 78 -14.50 -7.56 -12.50
CA THR B 78 -13.85 -7.10 -11.29
C THR B 78 -14.25 -8.00 -10.12
N PHE B 79 -13.21 -8.44 -9.37
CA PHE B 79 -13.39 -9.04 -8.07
C PHE B 79 -13.31 -7.92 -7.04
N TYR B 80 -14.49 -7.56 -6.49
CA TYR B 80 -14.62 -6.56 -5.43
C TYR B 80 -14.77 -7.27 -4.09
N ARG B 81 -13.86 -6.94 -3.18
CA ARG B 81 -13.81 -7.48 -1.83
C ARG B 81 -13.91 -6.33 -0.83
N ILE B 82 -14.63 -6.58 0.27
CA ILE B 82 -14.81 -5.58 1.32
C ILE B 82 -14.34 -6.14 2.65
N MET B 83 -13.70 -5.25 3.44
CA MET B 83 -13.00 -5.64 4.66
C MET B 83 -13.31 -4.64 5.79
N PRO B 84 -13.33 -5.07 7.10
CA PRO B 84 -13.26 -4.15 8.23
C PRO B 84 -11.81 -3.75 8.52
N ASP B 85 -11.55 -2.44 8.51
CA ASP B 85 -10.21 -1.90 8.70
C ASP B 85 -10.31 -0.55 9.37
N TYR B 86 -10.52 -0.54 10.70
CA TYR B 86 -10.65 0.68 11.49
C TYR B 86 -9.63 1.72 11.05
N ALA B 87 -10.13 2.83 10.48
CA ALA B 87 -9.31 3.89 9.91
C ALA B 87 -8.54 4.66 11.01
N GLN B 88 -9.21 4.92 12.16
CA GLN B 88 -8.64 5.51 13.37
C GLN B 88 -8.55 4.48 14.49
N PRO B 89 -7.54 4.53 15.43
CA PRO B 89 -7.57 3.67 16.62
C PRO B 89 -8.86 3.84 17.42
N PRO B 90 -9.71 2.78 17.59
CA PRO B 90 -11.08 2.93 18.07
C PRO B 90 -11.25 3.18 19.58
N THR B 91 -10.59 4.22 20.11
CA THR B 91 -10.38 4.40 21.54
C THR B 91 -11.51 5.13 22.28
N TYR B 92 -12.59 5.58 21.57
CA TYR B 92 -13.65 6.43 22.14
C TYR B 92 -14.26 5.79 23.40
N TYR B 93 -14.75 4.54 23.29
CA TYR B 93 -15.48 3.90 24.37
C TYR B 93 -14.63 2.81 25.02
N LYS B 94 -14.36 2.98 26.33
CA LYS B 94 -13.57 2.09 27.19
C LYS B 94 -12.24 1.68 26.56
N GLY B 95 -11.58 2.67 25.92
CA GLY B 95 -10.32 2.56 25.20
C GLY B 95 -10.34 1.58 24.02
N GLY B 96 -11.54 1.32 23.46
CA GLY B 96 -11.84 0.35 22.41
C GLY B 96 -11.66 -1.12 22.79
N GLU B 97 -11.73 -1.43 24.10
CA GLU B 97 -11.51 -2.79 24.61
C GLU B 97 -12.58 -3.78 24.13
N LEU B 98 -13.78 -3.30 23.80
CA LEU B 98 -14.91 -4.11 23.43
C LEU B 98 -15.29 -3.97 21.96
N ASN B 99 -14.34 -3.50 21.13
CA ASN B 99 -14.47 -3.47 19.67
C ASN B 99 -14.60 -4.90 19.15
N ALA B 100 -15.52 -5.10 18.19
CA ALA B 100 -15.85 -6.39 17.61
C ALA B 100 -15.17 -6.53 16.24
N PRO B 101 -14.83 -7.76 15.74
CA PRO B 101 -14.22 -7.92 14.41
C PRO B 101 -15.03 -7.38 13.23
N ILE B 102 -16.35 -7.26 13.44
CA ILE B 102 -17.35 -6.84 12.46
C ILE B 102 -17.52 -5.32 12.46
N ASP B 103 -16.77 -4.59 13.30
CA ASP B 103 -16.96 -3.16 13.55
C ASP B 103 -16.31 -2.26 12.49
N GLY B 104 -15.06 -2.54 12.11
CA GLY B 104 -14.14 -1.57 11.52
C GLY B 104 -14.63 -1.03 10.17
N ASP B 105 -14.23 0.23 9.87
CA ASP B 105 -14.51 0.99 8.65
C ASP B 105 -14.32 0.15 7.40
N GLY B 106 -15.36 0.15 6.55
CA GLY B 106 -15.37 -0.53 5.26
C GLY B 106 -14.38 0.08 4.29
N THR B 107 -13.52 -0.81 3.78
CA THR B 107 -12.58 -0.59 2.70
C THR B 107 -12.82 -1.63 1.60
N VAL B 108 -12.90 -1.15 0.36
CA VAL B 108 -13.16 -1.99 -0.81
C VAL B 108 -11.82 -2.18 -1.54
N ALA B 109 -11.43 -3.44 -1.79
CA ALA B 109 -10.40 -3.79 -2.75
C ALA B 109 -11.02 -4.33 -4.04
N ALA B 110 -10.58 -3.77 -5.18
CA ALA B 110 -11.00 -4.12 -6.54
C ALA B 110 -9.81 -4.70 -7.30
N PHE B 111 -10.03 -5.88 -7.88
CA PHE B 111 -9.11 -6.58 -8.77
C PHE B 111 -9.80 -6.68 -10.13
N ARG B 112 -9.40 -5.81 -11.08
CA ARG B 112 -10.01 -5.76 -12.41
C ARG B 112 -9.19 -6.59 -13.39
N PHE B 113 -9.88 -7.57 -14.02
CA PHE B 113 -9.36 -8.51 -15.01
C PHE B 113 -9.88 -8.10 -16.38
N LYS B 114 -8.95 -7.69 -17.26
CA LYS B 114 -9.27 -7.29 -18.63
C LYS B 114 -8.10 -7.75 -19.50
N ASP B 115 -8.37 -8.71 -20.42
CA ASP B 115 -7.45 -9.16 -21.46
C ASP B 115 -6.13 -9.72 -20.86
N GLY B 116 -6.24 -10.43 -19.72
CA GLY B 116 -5.10 -11.05 -19.02
C GLY B 116 -4.33 -10.10 -18.08
N LYS B 117 -4.62 -8.78 -18.10
CA LYS B 117 -4.03 -7.78 -17.21
C LYS B 117 -4.91 -7.57 -15.97
N VAL B 118 -4.25 -7.39 -14.80
CA VAL B 118 -4.89 -7.17 -13.52
C VAL B 118 -4.46 -5.81 -12.96
N ASP B 119 -5.44 -4.98 -12.60
CA ASP B 119 -5.27 -3.76 -11.83
C ASP B 119 -5.87 -3.90 -10.43
N TYR B 120 -5.33 -3.11 -9.49
CA TYR B 120 -5.76 -3.06 -8.10
C TYR B 120 -6.07 -1.61 -7.70
N ARG B 121 -7.20 -1.44 -6.99
CA ARG B 121 -7.55 -0.23 -6.24
C ARG B 121 -8.16 -0.61 -4.91
N GLN B 122 -7.74 0.11 -3.87
CA GLN B 122 -8.34 0.07 -2.55
C GLN B 122 -8.73 1.47 -2.10
N ARG B 123 -9.91 1.55 -1.45
CA ARG B 123 -10.41 2.79 -0.87
C ARG B 123 -11.42 2.51 0.22
N PHE B 124 -11.38 3.36 1.25
CA PHE B 124 -12.40 3.43 2.28
C PHE B 124 -13.68 4.01 1.69
N VAL B 125 -14.80 3.41 2.11
CA VAL B 125 -16.14 3.96 1.96
C VAL B 125 -16.20 5.24 2.81
N GLU B 126 -16.60 6.35 2.17
CA GLU B 126 -16.68 7.66 2.81
C GLU B 126 -18.02 7.78 3.54
N THR B 127 -18.25 6.86 4.52
CA THR B 127 -19.41 6.87 5.40
C THR B 127 -19.37 8.16 6.22
N ASP B 128 -20.56 8.66 6.60
CA ASP B 128 -20.70 9.74 7.56
C ASP B 128 -19.80 9.55 8.79
N ARG B 129 -19.75 8.31 9.33
CA ARG B 129 -18.89 7.90 10.44
C ARG B 129 -17.40 8.11 10.12
N PHE B 130 -16.96 7.56 8.97
CA PHE B 130 -15.59 7.66 8.47
C PHE B 130 -15.16 9.13 8.37
N LYS B 131 -16.00 9.95 7.74
CA LYS B 131 -15.74 11.37 7.47
C LYS B 131 -15.56 12.16 8.76
N VAL B 132 -16.44 11.92 9.76
CA VAL B 132 -16.37 12.52 11.09
C VAL B 132 -15.04 12.16 11.76
N GLU B 133 -14.67 10.87 11.76
CA GLU B 133 -13.51 10.36 12.47
C GLU B 133 -12.21 10.80 11.80
N ARG B 134 -12.19 10.89 10.46
CA ARG B 134 -11.04 11.38 9.68
C ARG B 134 -10.78 12.85 9.96
N ARG B 135 -11.80 13.70 9.82
CA ARG B 135 -11.77 15.13 10.04
C ARG B 135 -11.31 15.50 11.46
N ALA B 136 -11.69 14.69 12.47
CA ALA B 136 -11.30 14.86 13.87
C ALA B 136 -9.94 14.22 14.22
N ARG B 137 -9.42 13.32 13.36
CA ARG B 137 -8.33 12.37 13.60
C ARG B 137 -8.54 11.60 14.91
N LYS B 138 -9.79 11.17 15.17
CA LYS B 138 -10.20 10.67 16.48
C LYS B 138 -11.43 9.77 16.33
N SER B 139 -11.39 8.66 17.07
CA SER B 139 -12.52 7.77 17.34
C SER B 139 -13.63 8.52 18.08
N MET B 140 -14.87 8.38 17.57
CA MET B 140 -16.05 9.09 18.04
C MET B 140 -17.25 8.15 18.16
N TYR B 141 -17.01 6.85 17.97
CA TYR B 141 -18.02 5.79 17.99
C TYR B 141 -17.59 4.73 18.99
N GLY B 142 -18.58 4.18 19.67
CA GLY B 142 -18.43 3.16 20.69
C GLY B 142 -18.71 1.76 20.16
N LEU B 143 -19.55 1.05 20.91
CA LEU B 143 -19.93 -0.34 20.66
C LEU B 143 -20.73 -0.47 19.37
N TYR B 144 -20.59 -1.65 18.74
CA TYR B 144 -21.35 -2.10 17.59
C TYR B 144 -22.84 -1.83 17.85
N ARG B 145 -23.42 -0.97 16.99
CA ARG B 145 -24.84 -0.66 16.94
C ARG B 145 -25.36 -0.03 18.26
N ASN B 146 -24.50 0.68 18.99
CA ASN B 146 -24.90 1.34 20.24
C ASN B 146 -24.64 2.85 20.22
N PRO B 147 -25.58 3.67 19.66
CA PRO B 147 -25.54 5.14 19.76
C PRO B 147 -25.37 5.79 21.14
N TYR B 148 -25.80 5.10 22.21
CA TYR B 148 -25.63 5.52 23.59
C TYR B 148 -24.17 5.44 24.04
N THR B 149 -23.29 4.78 23.25
CA THR B 149 -21.85 4.72 23.48
C THR B 149 -21.06 5.55 22.45
N HIS B 150 -21.76 6.27 21.54
CA HIS B 150 -21.12 7.20 20.61
C HIS B 150 -20.96 8.58 21.27
N HIS B 151 -20.00 9.37 20.75
CA HIS B 151 -19.79 10.78 21.09
C HIS B 151 -21.09 11.57 20.90
N PRO B 152 -21.50 12.45 21.86
CA PRO B 152 -22.74 13.25 21.76
C PRO B 152 -23.01 13.96 20.42
N CYS B 153 -21.95 14.48 19.79
CA CYS B 153 -22.00 15.19 18.50
C CYS B 153 -22.45 14.30 17.34
N VAL B 154 -22.34 12.97 17.47
CA VAL B 154 -22.55 12.04 16.35
C VAL B 154 -23.69 11.04 16.64
N ARG B 155 -24.42 11.21 17.75
CA ARG B 155 -25.41 10.22 18.20
C ARG B 155 -26.55 10.03 17.21
N GLN B 156 -26.90 11.12 16.50
CA GLN B 156 -27.97 11.14 15.51
C GLN B 156 -27.45 11.03 14.06
N THR B 157 -26.26 10.42 13.89
CA THR B 157 -25.71 10.08 12.58
C THR B 157 -26.17 8.67 12.17
N VAL B 158 -26.11 8.39 10.86
CA VAL B 158 -25.94 7.05 10.31
C VAL B 158 -24.57 6.52 10.76
N GLU B 159 -24.61 5.44 11.54
CA GLU B 159 -23.48 4.87 12.28
C GLU B 159 -22.84 3.67 11.58
N SER B 160 -23.38 3.28 10.40
CA SER B 160 -22.88 2.22 9.53
C SER B 160 -21.45 2.48 9.10
N THR B 161 -20.63 1.41 9.19
CA THR B 161 -19.27 1.37 8.62
C THR B 161 -19.23 0.76 7.20
N ALA B 162 -20.40 0.34 6.66
CA ALA B 162 -20.56 -0.14 5.28
C ALA B 162 -19.45 -1.13 4.89
N ASN B 163 -19.33 -2.24 5.63
CA ASN B 163 -18.11 -3.08 5.63
C ASN B 163 -18.35 -4.56 5.27
N THR B 164 -19.58 -4.93 4.90
CA THR B 164 -20.04 -6.32 4.95
C THR B 164 -20.02 -6.97 3.56
N ASN B 165 -20.70 -6.35 2.57
CA ASN B 165 -20.93 -6.93 1.25
C ASN B 165 -21.11 -5.81 0.21
N VAL B 166 -20.97 -6.17 -1.07
CA VAL B 166 -21.08 -5.28 -2.22
C VAL B 166 -22.08 -5.86 -3.22
N VAL B 167 -22.66 -4.99 -4.05
CA VAL B 167 -23.57 -5.36 -5.15
C VAL B 167 -23.49 -4.28 -6.23
N MET B 168 -23.60 -4.74 -7.50
CA MET B 168 -23.92 -3.92 -8.65
C MET B 168 -25.36 -4.21 -9.08
N HIS B 169 -26.22 -3.20 -8.90
CA HIS B 169 -27.62 -3.27 -9.27
C HIS B 169 -28.07 -1.98 -9.95
N ALA B 170 -28.75 -2.15 -11.10
CA ALA B 170 -29.29 -1.06 -11.93
C ALA B 170 -28.21 0.00 -12.26
N GLY B 171 -27.00 -0.49 -12.60
CA GLY B 171 -25.81 0.31 -12.90
C GLY B 171 -25.28 1.13 -11.72
N ARG B 172 -25.59 0.69 -10.49
CA ARG B 172 -25.17 1.34 -9.25
C ARG B 172 -24.40 0.35 -8.37
N PHE B 173 -23.21 0.78 -7.90
CA PHE B 173 -22.32 -0.01 -7.07
C PHE B 173 -22.44 0.43 -5.60
N LEU B 174 -22.81 -0.54 -4.74
CA LEU B 174 -23.26 -0.33 -3.37
C LEU B 174 -22.35 -1.09 -2.40
N ALA B 175 -21.95 -0.41 -1.33
CA ALA B 175 -21.33 -0.98 -0.15
C ALA B 175 -22.39 -0.99 0.96
N MET B 176 -22.49 -2.14 1.65
CA MET B 176 -23.63 -2.48 2.50
C MET B 176 -23.17 -2.92 3.89
N LYS B 177 -24.02 -2.58 4.87
CA LYS B 177 -24.00 -3.08 6.24
C LYS B 177 -25.42 -2.91 6.81
N GLU B 178 -25.86 -3.93 7.56
CA GLU B 178 -27.27 -4.16 7.95
C GLU B 178 -27.88 -3.08 8.84
N ASN B 179 -27.07 -2.22 9.50
CA ASN B 179 -27.54 -1.16 10.40
C ASN B 179 -27.81 0.18 9.67
N GLY B 180 -27.83 0.16 8.32
CA GLY B 180 -28.13 1.32 7.50
C GLY B 180 -28.44 0.97 6.05
N ASN B 181 -28.91 1.98 5.30
CA ASN B 181 -28.93 1.94 3.84
C ASN B 181 -27.51 1.90 3.30
N ALA B 182 -27.40 1.41 2.06
CA ALA B 182 -26.15 1.31 1.33
C ALA B 182 -25.59 2.69 0.99
N TYR B 183 -24.25 2.73 0.92
CA TYR B 183 -23.50 3.82 0.31
C TYR B 183 -23.10 3.39 -1.10
N GLU B 184 -23.31 4.33 -2.04
CA GLU B 184 -22.94 4.21 -3.43
C GLU B 184 -21.52 4.72 -3.62
N MET B 185 -20.78 3.97 -4.47
CA MET B 185 -19.42 4.25 -4.86
C MET B 185 -19.31 4.20 -6.39
N ASP B 186 -18.43 5.05 -6.93
CA ASP B 186 -17.98 4.95 -8.33
C ASP B 186 -17.31 3.59 -8.51
N PRO B 187 -17.66 2.76 -9.55
CA PRO B 187 -17.06 1.44 -9.71
C PRO B 187 -15.58 1.40 -10.14
N HIS B 188 -15.00 2.56 -10.50
CA HIS B 188 -13.66 2.68 -11.07
C HIS B 188 -12.71 3.41 -10.11
N THR B 189 -13.15 4.57 -9.59
CA THR B 189 -12.36 5.39 -8.68
C THR B 189 -12.61 4.98 -7.23
N LEU B 190 -13.75 4.30 -6.95
CA LEU B 190 -14.23 3.94 -5.61
C LEU B 190 -14.58 5.16 -4.73
N LYS B 191 -14.69 6.36 -5.36
CA LYS B 191 -15.19 7.59 -4.75
C LYS B 191 -16.65 7.38 -4.32
N THR B 192 -16.97 7.77 -3.07
CA THR B 192 -18.31 7.73 -2.51
C THR B 192 -19.16 8.84 -3.15
N LEU B 193 -20.36 8.41 -3.59
CA LEU B 193 -21.27 9.20 -4.42
C LEU B 193 -22.51 9.64 -3.63
N GLY B 194 -22.97 8.82 -2.68
CA GLY B 194 -24.17 9.12 -1.91
C GLY B 194 -24.63 7.99 -1.00
N TYR B 195 -25.74 8.29 -0.30
CA TYR B 195 -26.40 7.41 0.65
C TYR B 195 -27.82 7.16 0.16
N ASN B 196 -28.24 5.89 0.31
CA ASN B 196 -29.59 5.39 0.07
C ASN B 196 -29.99 5.64 -1.39
N PRO B 197 -29.21 5.20 -2.45
CA PRO B 197 -29.52 5.55 -3.84
C PRO B 197 -30.91 5.14 -4.33
N PHE B 198 -31.43 4.01 -3.82
CA PHE B 198 -32.76 3.49 -4.15
C PHE B 198 -33.89 4.14 -3.35
N ASN B 199 -33.56 5.04 -2.40
CA ASN B 199 -34.48 5.85 -1.57
C ASN B 199 -35.47 4.94 -0.83
N LEU B 200 -34.90 3.93 -0.14
CA LEU B 200 -35.66 2.97 0.64
C LEU B 200 -36.27 3.66 1.87
N PRO B 201 -37.57 3.42 2.25
CA PRO B 201 -38.19 4.10 3.39
C PRO B 201 -37.78 3.60 4.77
N SER B 202 -37.19 2.39 4.83
CA SER B 202 -36.56 1.85 6.03
C SER B 202 -35.27 2.62 6.36
N LYS B 203 -34.89 2.57 7.64
CA LYS B 203 -33.64 3.10 8.15
C LYS B 203 -32.47 2.17 7.80
N THR B 204 -32.76 0.92 7.39
CA THR B 204 -31.80 -0.15 7.23
C THR B 204 -32.05 -0.88 5.90
N MET B 205 -30.99 -1.55 5.41
CA MET B 205 -31.03 -2.53 4.34
C MET B 205 -30.01 -3.61 4.68
N THR B 206 -30.42 -4.89 4.50
CA THR B 206 -29.58 -6.08 4.56
C THR B 206 -28.32 -5.88 3.70
N ALA B 207 -27.21 -6.48 4.17
CA ALA B 207 -26.03 -6.69 3.35
C ALA B 207 -26.10 -7.98 2.53
N HIS B 208 -27.21 -8.72 2.69
CA HIS B 208 -27.47 -9.93 1.94
C HIS B 208 -28.73 -9.82 1.07
N PRO B 209 -28.88 -8.83 0.13
CA PRO B 209 -29.91 -8.95 -0.89
C PRO B 209 -29.52 -10.00 -1.93
N LYS B 210 -30.53 -10.48 -2.66
CA LYS B 210 -30.34 -11.51 -3.66
C LYS B 210 -30.85 -10.99 -4.99
N GLN B 211 -30.00 -11.11 -6.01
CA GLN B 211 -30.34 -10.76 -7.39
C GLN B 211 -30.94 -11.98 -8.07
N CYS B 212 -32.29 -11.95 -8.19
CA CYS B 212 -33.14 -12.93 -8.84
C CYS B 212 -32.72 -13.13 -10.30
N SER B 213 -32.42 -14.40 -10.66
CA SER B 213 -32.05 -14.80 -12.02
C SER B 213 -33.24 -14.80 -12.98
N VAL B 214 -34.48 -14.76 -12.44
CA VAL B 214 -35.72 -14.78 -13.22
C VAL B 214 -36.08 -13.34 -13.57
N THR B 215 -36.24 -12.48 -12.54
CA THR B 215 -36.81 -11.14 -12.71
C THR B 215 -35.71 -10.07 -12.91
N GLY B 216 -34.48 -10.38 -12.46
CA GLY B 216 -33.42 -9.39 -12.31
C GLY B 216 -33.62 -8.46 -11.11
N ASN B 217 -34.63 -8.71 -10.24
CA ASN B 217 -34.92 -7.89 -9.06
C ASN B 217 -33.86 -8.10 -7.98
N LEU B 218 -33.50 -6.98 -7.32
CA LEU B 218 -32.80 -6.95 -6.04
C LEU B 218 -33.82 -7.18 -4.93
N VAL B 219 -33.78 -8.40 -4.38
CA VAL B 219 -34.73 -8.87 -3.38
C VAL B 219 -34.02 -8.84 -2.03
N GLY B 220 -34.62 -8.10 -1.09
CA GLY B 220 -34.13 -8.05 0.27
C GLY B 220 -35.12 -7.45 1.26
N PHE B 221 -34.52 -7.01 2.36
CA PHE B 221 -35.20 -6.58 3.57
C PHE B 221 -34.29 -5.61 4.33
N GLY B 222 -34.90 -4.96 5.32
CA GLY B 222 -34.22 -4.28 6.40
C GLY B 222 -34.95 -4.54 7.71
N TYR B 223 -34.23 -5.06 8.70
CA TYR B 223 -34.74 -5.24 10.06
C TYR B 223 -34.29 -4.06 10.90
N GLU B 224 -34.88 -3.91 12.11
CA GLU B 224 -34.86 -2.69 12.93
C GLU B 224 -35.15 -1.46 12.05
N ALA B 225 -36.18 -1.60 11.21
CA ALA B 225 -36.42 -0.73 10.05
C ALA B 225 -36.89 0.67 10.47
N LYS B 226 -37.34 0.81 11.74
CA LYS B 226 -37.89 2.02 12.36
C LYS B 226 -37.01 2.55 13.50
N GLY B 227 -35.78 2.03 13.64
CA GLY B 227 -34.86 2.53 14.64
C GLY B 227 -34.39 1.42 15.56
N LEU B 228 -33.55 1.83 16.52
CA LEU B 228 -32.86 0.95 17.46
C LEU B 228 -33.88 0.12 18.25
N ALA B 229 -33.70 -1.21 18.19
CA ALA B 229 -34.43 -2.28 18.88
C ALA B 229 -35.88 -2.48 18.36
N THR B 230 -36.26 -1.82 17.25
CA THR B 230 -37.59 -1.97 16.63
C THR B 230 -37.70 -3.36 16.00
N LYS B 231 -38.91 -3.95 16.08
CA LYS B 231 -39.22 -5.28 15.58
C LYS B 231 -39.58 -5.28 14.10
N ASP B 232 -39.76 -4.07 13.54
CA ASP B 232 -40.16 -3.81 12.16
C ASP B 232 -39.14 -4.38 11.17
N VAL B 233 -39.71 -5.02 10.14
CA VAL B 233 -39.01 -5.54 8.98
C VAL B 233 -39.71 -4.95 7.74
N TYR B 234 -38.90 -4.36 6.83
CA TYR B 234 -39.37 -3.93 5.53
C TYR B 234 -38.79 -4.86 4.47
N TYR B 235 -39.66 -5.56 3.74
CA TYR B 235 -39.34 -6.34 2.55
C TYR B 235 -39.46 -5.47 1.30
N PHE B 236 -38.57 -5.70 0.30
CA PHE B 236 -38.57 -4.96 -0.95
C PHE B 236 -38.09 -5.85 -2.10
N GLU B 237 -38.50 -5.45 -3.31
CA GLU B 237 -37.94 -5.91 -4.58
C GLU B 237 -37.69 -4.68 -5.44
N VAL B 238 -36.41 -4.43 -5.74
CA VAL B 238 -35.97 -3.35 -6.61
C VAL B 238 -35.72 -3.92 -8.01
N ASP B 239 -36.43 -3.38 -9.01
CA ASP B 239 -36.41 -3.89 -10.39
C ASP B 239 -35.07 -3.57 -11.08
N PRO B 240 -34.72 -4.12 -12.29
CA PRO B 240 -33.50 -3.72 -13.02
C PRO B 240 -33.30 -2.25 -13.37
N SER B 241 -34.36 -1.42 -13.27
CA SER B 241 -34.32 0.01 -13.57
C SER B 241 -34.20 0.86 -12.30
N GLY B 242 -34.16 0.21 -11.13
CA GLY B 242 -33.88 0.85 -9.85
C GLY B 242 -35.12 1.34 -9.11
N LYS B 243 -36.31 0.82 -9.48
CA LYS B 243 -37.61 1.15 -8.91
C LYS B 243 -38.09 0.02 -7.98
N VAL B 244 -38.69 0.39 -6.83
CA VAL B 244 -39.30 -0.54 -5.88
C VAL B 244 -40.63 -1.00 -6.50
N VAL B 245 -40.72 -2.30 -6.82
CA VAL B 245 -41.85 -2.89 -7.54
C VAL B 245 -42.75 -3.72 -6.63
N ARG B 246 -42.16 -4.25 -5.54
CA ARG B 246 -42.85 -5.02 -4.52
C ARG B 246 -42.26 -4.64 -3.17
N ASP B 247 -43.14 -4.54 -2.17
CA ASP B 247 -42.76 -4.26 -0.79
C ASP B 247 -43.84 -4.73 0.19
N LEU B 248 -43.46 -4.75 1.48
CA LEU B 248 -44.32 -5.06 2.62
C LEU B 248 -43.64 -4.60 3.92
N TRP B 249 -44.46 -3.98 4.81
CA TRP B 249 -44.13 -3.81 6.22
C TRP B 249 -44.66 -4.99 7.06
N LEU B 250 -43.75 -5.58 7.85
CA LEU B 250 -43.99 -6.74 8.71
C LEU B 250 -43.23 -6.57 10.04
N GLU B 251 -43.26 -7.62 10.89
CA GLU B 251 -42.47 -7.68 12.13
C GLU B 251 -41.85 -9.07 12.30
N ALA B 252 -40.69 -9.07 12.98
CA ALA B 252 -40.07 -10.26 13.54
C ALA B 252 -40.74 -10.64 14.87
N PRO B 253 -40.78 -11.93 15.30
CA PRO B 253 -41.35 -12.33 16.59
C PRO B 253 -40.68 -11.70 17.82
N TRP B 254 -39.36 -11.49 17.75
CA TRP B 254 -38.60 -10.64 18.66
C TRP B 254 -37.60 -9.81 17.83
N CYS B 255 -36.97 -8.79 18.46
CA CYS B 255 -35.92 -8.03 17.79
C CYS B 255 -34.67 -8.91 17.70
N ALA B 256 -34.57 -9.64 16.57
CA ALA B 256 -33.58 -10.67 16.29
C ALA B 256 -32.54 -10.16 15.28
N PHE B 257 -31.37 -10.84 15.27
CA PHE B 257 -30.26 -10.61 14.37
C PHE B 257 -30.52 -11.38 13.08
N ILE B 258 -31.08 -10.68 12.08
CA ILE B 258 -31.46 -11.25 10.79
C ILE B 258 -30.38 -10.84 9.77
N HIS B 259 -29.25 -11.57 9.83
CA HIS B 259 -28.09 -11.30 9.00
C HIS B 259 -28.30 -11.65 7.52
N ASP B 260 -28.79 -12.87 7.27
CA ASP B 260 -28.89 -13.48 5.95
C ASP B 260 -30.30 -14.03 5.71
N CYS B 261 -30.53 -14.50 4.47
CA CYS B 261 -31.82 -14.88 3.92
C CYS B 261 -31.62 -15.87 2.78
N ALA B 262 -32.74 -16.41 2.25
CA ALA B 262 -32.74 -17.21 1.05
C ALA B 262 -33.88 -16.77 0.13
N LEU B 263 -33.54 -16.71 -1.16
CA LEU B 263 -34.46 -16.45 -2.25
C LEU B 263 -34.78 -17.75 -2.99
N THR B 264 -36.09 -17.97 -3.16
CA THR B 264 -36.68 -19.09 -3.90
C THR B 264 -37.62 -18.48 -4.95
N PRO B 265 -38.23 -19.24 -5.94
CA PRO B 265 -39.22 -18.66 -6.85
C PRO B 265 -40.34 -17.83 -6.21
N ASN B 266 -40.87 -18.30 -5.06
CA ASN B 266 -42.12 -17.80 -4.49
C ASN B 266 -41.95 -17.10 -3.13
N TYR B 267 -40.74 -17.13 -2.55
CA TYR B 267 -40.48 -16.67 -1.18
C TYR B 267 -39.15 -15.92 -1.06
N LEU B 268 -39.15 -14.92 -0.15
CA LEU B 268 -37.99 -14.49 0.60
C LEU B 268 -38.06 -15.09 2.01
N VAL B 269 -37.01 -15.83 2.39
CA VAL B 269 -36.96 -16.56 3.65
C VAL B 269 -35.87 -15.95 4.53
N LEU B 270 -36.29 -15.27 5.61
CA LEU B 270 -35.41 -14.61 6.58
C LEU B 270 -34.92 -15.61 7.64
N MET B 271 -33.63 -15.50 8.01
CA MET B 271 -32.94 -16.41 8.92
C MET B 271 -32.55 -15.67 10.21
N LEU B 272 -33.22 -16.02 11.31
CA LEU B 272 -33.09 -15.37 12.61
C LEU B 272 -32.07 -16.10 13.48
N TRP B 273 -30.99 -15.37 13.82
CA TRP B 273 -30.00 -15.81 14.79
C TRP B 273 -30.58 -15.66 16.21
N PRO B 274 -30.20 -16.54 17.19
CA PRO B 274 -30.67 -16.42 18.57
C PRO B 274 -29.93 -15.35 19.40
N PHE B 275 -30.01 -14.10 18.93
CA PHE B 275 -29.63 -12.89 19.63
C PHE B 275 -30.86 -11.98 19.72
N GLU B 276 -30.97 -11.27 20.85
CA GLU B 276 -32.02 -10.30 21.13
C GLU B 276 -31.39 -8.94 21.45
N ALA B 277 -31.99 -7.87 20.90
CA ALA B 277 -31.65 -6.50 21.22
C ALA B 277 -32.50 -5.99 22.40
N ASN B 278 -31.88 -5.16 23.25
CA ASN B 278 -32.48 -4.61 24.46
C ASN B 278 -32.06 -3.15 24.60
N LEU B 279 -33.03 -2.23 24.48
CA LEU B 279 -32.84 -0.78 24.54
C LEU B 279 -32.26 -0.34 25.89
N GLU B 280 -32.77 -0.94 26.99
CA GLU B 280 -32.36 -0.67 28.36
C GLU B 280 -30.88 -0.99 28.57
N ARG B 281 -30.43 -2.18 28.11
CA ARG B 281 -29.03 -2.62 28.13
C ARG B 281 -28.14 -1.63 27.36
N MET B 282 -28.62 -1.19 26.20
CA MET B 282 -27.92 -0.25 25.32
C MET B 282 -27.70 1.09 26.04
N LYS B 283 -28.76 1.64 26.66
CA LYS B 283 -28.76 2.86 27.45
C LYS B 283 -27.78 2.78 28.62
N ALA B 284 -27.62 1.58 29.23
CA ALA B 284 -26.67 1.28 30.30
C ALA B 284 -25.23 1.11 29.79
N GLY B 285 -25.02 1.19 28.47
CA GLY B 285 -23.70 1.10 27.85
C GLY B 285 -23.25 -0.33 27.58
N GLY B 286 -24.19 -1.28 27.55
CA GLY B 286 -23.96 -2.66 27.16
C GLY B 286 -24.09 -2.86 25.65
N HIS B 287 -23.82 -4.10 25.20
CA HIS B 287 -23.86 -4.50 23.80
C HIS B 287 -25.29 -4.47 23.26
N HIS B 288 -25.41 -4.14 21.95
CA HIS B 288 -26.66 -4.19 21.19
C HIS B 288 -27.33 -5.55 21.33
N TRP B 289 -26.58 -6.62 21.03
CA TRP B 289 -27.02 -8.01 20.99
C TRP B 289 -26.53 -8.77 22.22
N ALA B 290 -27.39 -9.69 22.70
CA ALA B 290 -27.00 -10.77 23.59
C ALA B 290 -27.54 -12.08 23.04
N TYR B 291 -26.64 -13.09 22.96
CA TYR B 291 -26.93 -14.49 22.63
C TYR B 291 -27.91 -15.03 23.66
N ASP B 292 -28.89 -15.79 23.16
CA ASP B 292 -29.91 -16.38 24.02
C ASP B 292 -30.08 -17.84 23.64
N TYR B 293 -29.61 -18.72 24.57
CA TYR B 293 -29.77 -20.17 24.53
C TYR B 293 -31.22 -20.64 24.43
N THR B 294 -32.18 -19.84 24.92
CA THR B 294 -33.60 -20.20 24.91
C THR B 294 -34.27 -19.90 23.56
N LYS B 295 -33.65 -19.06 22.70
CA LYS B 295 -34.17 -18.77 21.37
C LYS B 295 -33.85 -19.92 20.41
N PRO B 296 -34.87 -20.55 19.72
CA PRO B 296 -34.61 -21.40 18.57
C PRO B 296 -34.22 -20.60 17.32
N ILE B 297 -33.45 -21.24 16.42
CA ILE B 297 -33.33 -20.83 15.02
C ILE B 297 -34.76 -20.66 14.49
N THR B 298 -35.03 -19.44 14.01
CA THR B 298 -36.35 -19.04 13.53
C THR B 298 -36.21 -18.55 12.08
N TRP B 299 -37.22 -18.90 11.26
CA TRP B 299 -37.32 -18.51 9.87
C TRP B 299 -38.64 -17.75 9.67
N ILE B 300 -38.56 -16.64 8.92
CA ILE B 300 -39.72 -15.87 8.46
C ILE B 300 -39.86 -16.14 6.95
N THR B 301 -40.97 -16.79 6.55
CA THR B 301 -41.34 -16.93 5.15
C THR B 301 -42.18 -15.73 4.73
N ILE B 302 -41.71 -15.01 3.70
CA ILE B 302 -42.41 -13.89 3.07
C ILE B 302 -42.77 -14.32 1.64
N PRO B 303 -44.06 -14.62 1.31
CA PRO B 303 -44.49 -14.80 -0.08
C PRO B 303 -44.18 -13.55 -0.90
N ARG B 304 -43.47 -13.76 -2.01
CA ARG B 304 -43.04 -12.69 -2.92
C ARG B 304 -44.28 -11.99 -3.49
N GLY B 305 -44.30 -10.66 -3.34
CA GLY B 305 -45.42 -9.80 -3.67
C GLY B 305 -46.65 -10.03 -2.76
N ALA B 306 -46.44 -10.47 -1.51
CA ALA B 306 -47.47 -10.60 -0.47
C ALA B 306 -48.30 -9.32 -0.35
N LYS B 307 -49.62 -9.51 -0.19
CA LYS B 307 -50.58 -8.42 -0.14
C LYS B 307 -50.74 -7.86 1.28
N SER B 308 -50.35 -8.66 2.28
CA SER B 308 -50.62 -8.47 3.70
C SER B 308 -49.51 -9.12 4.53
N LYS B 309 -49.25 -8.53 5.71
CA LYS B 309 -48.41 -9.12 6.75
C LYS B 309 -48.97 -10.45 7.28
N ASP B 310 -50.28 -10.73 7.05
CA ASP B 310 -50.97 -11.97 7.39
C ASP B 310 -50.41 -13.20 6.67
N GLU B 311 -49.81 -12.98 5.49
CA GLU B 311 -49.22 -14.00 4.64
C GLU B 311 -47.90 -14.56 5.20
N VAL B 312 -47.25 -13.79 6.09
CA VAL B 312 -45.93 -14.07 6.66
C VAL B 312 -46.11 -15.15 7.74
N LYS B 313 -45.19 -16.14 7.78
CA LYS B 313 -45.20 -17.25 8.74
C LYS B 313 -43.85 -17.40 9.42
N TYR B 314 -43.91 -17.74 10.71
CA TYR B 314 -42.76 -17.99 11.58
C TYR B 314 -42.60 -19.49 11.78
N TRP B 315 -41.37 -19.97 11.54
CA TRP B 315 -41.02 -21.39 11.60
C TRP B 315 -39.84 -21.53 12.56
N HIS B 316 -39.79 -22.63 13.35
CA HIS B 316 -38.70 -22.77 14.32
C HIS B 316 -38.09 -24.16 14.31
N TRP B 317 -36.80 -24.21 14.68
CA TRP B 317 -36.10 -25.45 14.99
C TRP B 317 -35.66 -25.46 16.46
N LYS B 318 -34.35 -25.32 16.74
CA LYS B 318 -33.67 -25.43 18.04
C LYS B 318 -32.58 -24.36 18.06
N ASN B 319 -32.00 -24.10 19.25
CA ASN B 319 -30.88 -23.19 19.43
C ASN B 319 -29.67 -23.65 18.62
N GLY B 320 -29.06 -22.66 17.94
CA GLY B 320 -27.84 -22.76 17.17
C GLY B 320 -27.66 -21.49 16.33
N MET B 321 -26.57 -21.44 15.54
CA MET B 321 -26.20 -20.27 14.76
C MET B 321 -25.95 -20.68 13.30
N PRO B 322 -26.94 -20.53 12.40
CA PRO B 322 -26.72 -20.67 10.97
C PRO B 322 -26.29 -19.34 10.35
N ILE B 323 -25.00 -19.22 10.00
CA ILE B 323 -24.39 -17.91 9.74
C ILE B 323 -24.81 -17.40 8.36
N HIS B 324 -24.52 -18.20 7.32
CA HIS B 324 -24.78 -17.85 5.93
C HIS B 324 -25.44 -19.00 5.17
N THR B 325 -26.41 -18.64 4.30
CA THR B 325 -27.02 -19.51 3.30
C THR B 325 -26.11 -19.63 2.08
N ALA B 326 -26.10 -20.82 1.46
CA ALA B 326 -25.62 -20.99 0.09
C ALA B 326 -26.63 -20.32 -0.85
N SER B 327 -27.77 -20.99 -1.05
CA SER B 327 -28.99 -20.42 -1.59
C SER B 327 -30.19 -21.28 -1.17
N GLY B 328 -31.36 -20.97 -1.74
CA GLY B 328 -32.60 -21.70 -1.54
C GLY B 328 -33.28 -22.05 -2.86
N PHE B 329 -34.24 -23.00 -2.77
CA PHE B 329 -35.14 -23.37 -3.86
C PHE B 329 -36.42 -24.00 -3.33
N GLU B 330 -37.37 -24.22 -4.25
CA GLU B 330 -38.55 -25.05 -4.04
C GLU B 330 -38.42 -26.35 -4.85
N ASP B 331 -38.57 -27.49 -4.15
CA ASP B 331 -38.58 -28.83 -4.73
C ASP B 331 -39.90 -29.09 -5.48
N GLU B 332 -40.01 -30.29 -6.10
CA GLU B 332 -41.17 -30.86 -6.79
C GLU B 332 -42.46 -30.82 -5.95
N GLN B 333 -42.35 -30.96 -4.61
CA GLN B 333 -43.47 -30.97 -3.67
C GLN B 333 -43.80 -29.58 -3.10
N GLY B 334 -43.09 -28.54 -3.62
CA GLY B 334 -43.22 -27.14 -3.25
C GLY B 334 -42.56 -26.77 -1.91
N ARG B 335 -41.71 -27.66 -1.37
CA ARG B 335 -40.98 -27.50 -0.11
C ARG B 335 -39.77 -26.59 -0.32
N ILE B 336 -39.51 -25.69 0.64
CA ILE B 336 -38.38 -24.76 0.68
C ILE B 336 -37.15 -25.54 1.20
N ILE B 337 -36.09 -25.55 0.38
CA ILE B 337 -34.82 -26.22 0.62
C ILE B 337 -33.74 -25.13 0.67
N ILE B 338 -33.07 -25.03 1.82
CA ILE B 338 -32.02 -24.04 2.12
C ILE B 338 -30.81 -24.78 2.70
N ASP B 339 -29.64 -24.57 2.07
CA ASP B 339 -28.36 -24.96 2.66
C ASP B 339 -27.71 -23.78 3.36
N SER B 340 -27.15 -24.05 4.54
CA SER B 340 -26.44 -23.07 5.35
C SER B 340 -25.27 -23.72 6.09
N SER B 341 -24.33 -22.87 6.56
CA SER B 341 -23.48 -23.20 7.71
C SER B 341 -24.34 -23.38 8.95
N LEU B 342 -23.87 -24.23 9.88
CA LEU B 342 -24.50 -24.43 11.18
C LEU B 342 -23.41 -24.63 12.24
N VAL B 343 -23.38 -23.65 13.16
CA VAL B 343 -22.57 -23.70 14.37
C VAL B 343 -23.53 -24.02 15.52
N HIS B 344 -23.18 -25.05 16.29
CA HIS B 344 -23.98 -25.57 17.40
C HIS B 344 -23.71 -24.76 18.68
N GLY B 345 -23.89 -23.44 18.61
CA GLY B 345 -23.57 -22.47 19.67
C GLY B 345 -23.22 -21.12 19.07
N ASN B 346 -22.59 -20.26 19.89
CA ASN B 346 -22.30 -18.87 19.56
C ASN B 346 -20.99 -18.76 18.77
N ALA B 347 -21.11 -18.44 17.46
CA ALA B 347 -19.98 -18.12 16.58
C ALA B 347 -19.47 -16.69 16.75
N PHE B 348 -20.21 -15.83 17.48
CA PHE B 348 -19.83 -14.49 17.91
C PHE B 348 -19.71 -14.42 19.45
N PRO B 349 -18.73 -15.10 20.13
CA PRO B 349 -18.65 -15.08 21.60
C PRO B 349 -18.47 -13.71 22.27
N PHE B 350 -18.02 -12.71 21.49
CA PHE B 350 -17.86 -11.30 21.86
C PHE B 350 -19.22 -10.60 22.11
N PHE B 351 -20.35 -11.21 21.69
CA PHE B 351 -21.70 -10.83 22.12
C PHE B 351 -22.28 -11.91 23.03
N PRO B 352 -21.81 -12.06 24.32
CA PRO B 352 -22.26 -13.16 25.18
C PRO B 352 -23.74 -13.05 25.61
N PRO B 353 -24.33 -14.07 26.32
CA PRO B 353 -25.58 -13.85 27.06
C PRO B 353 -25.50 -12.81 28.17
N ASP B 354 -26.67 -12.23 28.52
CA ASP B 354 -26.88 -11.24 29.57
C ASP B 354 -26.45 -11.74 30.95
N SER B 355 -27.04 -12.85 31.41
CA SER B 355 -26.88 -13.39 32.75
C SER B 355 -25.54 -14.09 32.91
N ASP B 356 -25.04 -14.09 34.16
CA ASP B 356 -23.82 -14.76 34.60
C ASP B 356 -23.89 -16.26 34.34
N GLU B 357 -25.07 -16.84 34.61
CA GLU B 357 -25.46 -18.23 34.40
C GLU B 357 -25.31 -18.63 32.92
N GLN B 358 -25.92 -17.85 32.00
CA GLN B 358 -25.94 -18.12 30.57
C GLN B 358 -24.55 -17.90 29.94
N LYS B 359 -23.80 -16.90 30.46
CA LYS B 359 -22.38 -16.65 30.16
C LYS B 359 -21.54 -17.89 30.45
N LYS B 360 -21.75 -18.54 31.62
CA LYS B 360 -21.03 -19.73 32.05
C LYS B 360 -21.34 -20.93 31.15
N LYS B 361 -22.58 -21.00 30.63
CA LYS B 361 -23.01 -21.98 29.64
C LYS B 361 -22.19 -21.87 28.34
N GLN B 362 -21.97 -20.63 27.84
CA GLN B 362 -21.15 -20.32 26.66
C GLN B 362 -19.71 -20.78 26.85
N GLU B 363 -19.12 -20.42 28.02
CA GLU B 363 -17.78 -20.84 28.46
C GLU B 363 -17.64 -22.37 28.42
N ALA B 364 -18.64 -23.08 28.95
CA ALA B 364 -18.67 -24.54 29.08
C ALA B 364 -18.89 -25.27 27.75
N ASP B 365 -19.20 -24.52 26.67
CA ASP B 365 -19.44 -25.05 25.32
C ASP B 365 -18.18 -25.10 24.45
N GLY B 366 -17.16 -24.27 24.81
CA GLY B 366 -15.88 -24.13 24.13
C GLY B 366 -16.07 -23.74 22.66
N THR B 367 -15.35 -24.44 21.78
CA THR B 367 -15.51 -24.33 20.34
C THR B 367 -16.69 -25.21 19.94
N PRO B 368 -17.87 -24.68 19.49
CA PRO B 368 -18.99 -25.51 19.05
C PRO B 368 -18.71 -26.27 17.77
N LYS B 369 -19.42 -27.39 17.58
CA LYS B 369 -19.47 -28.17 16.35
C LYS B 369 -19.96 -27.28 15.22
N ALA B 370 -19.33 -27.42 14.05
CA ALA B 370 -19.57 -26.58 12.88
C ALA B 370 -19.64 -27.45 11.63
N GLN B 371 -20.76 -27.31 10.91
CA GLN B 371 -21.16 -28.14 9.76
C GLN B 371 -21.78 -27.26 8.67
N PHE B 372 -21.97 -27.87 7.48
CA PHE B 372 -22.82 -27.41 6.39
C PHE B 372 -24.03 -28.34 6.29
N VAL B 373 -25.23 -27.73 6.26
CA VAL B 373 -26.51 -28.41 6.55
C VAL B 373 -27.57 -28.01 5.53
N ARG B 374 -28.62 -28.87 5.41
CA ARG B 374 -29.79 -28.68 4.55
C ARG B 374 -31.07 -28.67 5.39
N TRP B 375 -31.81 -27.56 5.25
CA TRP B 375 -33.11 -27.27 5.88
C TRP B 375 -34.25 -27.59 4.90
N THR B 376 -35.36 -28.12 5.46
CA THR B 376 -36.62 -28.38 4.75
C THR B 376 -37.75 -27.64 5.48
N ILE B 377 -38.32 -26.65 4.79
CA ILE B 377 -39.48 -25.89 5.25
C ILE B 377 -40.64 -26.16 4.26
N ASP B 378 -41.55 -27.05 4.67
CA ASP B 378 -42.77 -27.36 3.93
C ASP B 378 -43.85 -26.34 4.27
N PRO B 379 -44.21 -25.37 3.35
CA PRO B 379 -45.20 -24.32 3.66
C PRO B 379 -46.64 -24.79 3.93
N ARG B 380 -46.92 -26.07 3.62
CA ARG B 380 -48.20 -26.75 3.78
C ARG B 380 -48.37 -27.38 5.17
N LYS B 381 -47.26 -27.60 5.90
CA LYS B 381 -47.27 -28.03 7.30
C LYS B 381 -47.73 -26.85 8.18
N ASP B 382 -48.18 -27.19 9.40
CA ASP B 382 -48.41 -26.27 10.51
C ASP B 382 -47.05 -25.72 10.97
N ASN B 383 -46.93 -24.38 10.92
CA ASN B 383 -45.73 -23.60 11.27
C ASN B 383 -45.45 -23.60 12.78
N ASN B 384 -46.47 -23.91 13.60
CA ASN B 384 -46.35 -24.03 15.05
C ASN B 384 -45.59 -25.29 15.45
N GLU B 385 -45.60 -26.33 14.60
CA GLU B 385 -44.87 -27.58 14.78
C GLU B 385 -43.40 -27.35 14.42
N GLN B 386 -42.50 -27.79 15.32
CA GLN B 386 -41.05 -27.79 15.17
C GLN B 386 -40.64 -28.43 13.83
N LEU B 387 -39.74 -27.72 13.10
CA LEU B 387 -39.14 -28.15 11.85
C LEU B 387 -38.35 -29.44 12.04
N PRO B 388 -38.27 -30.36 11.02
CA PRO B 388 -37.36 -31.50 11.10
C PRO B 388 -35.90 -31.07 11.21
N ASP B 389 -35.11 -31.88 11.93
CA ASP B 389 -33.67 -31.73 12.11
C ASP B 389 -32.99 -31.59 10.75
N PRO B 390 -32.04 -30.63 10.54
CA PRO B 390 -31.39 -30.48 9.25
C PRO B 390 -30.50 -31.68 8.90
N GLU B 391 -30.33 -31.93 7.59
CA GLU B 391 -29.42 -32.95 7.07
C GLU B 391 -28.01 -32.38 7.02
N VAL B 392 -27.05 -33.14 7.59
CA VAL B 392 -25.62 -32.86 7.54
C VAL B 392 -25.13 -33.16 6.11
N ILE B 393 -24.70 -32.11 5.40
CA ILE B 393 -24.16 -32.17 4.04
C ILE B 393 -22.63 -32.34 4.08
N LEU B 394 -21.94 -31.48 4.84
CA LEU B 394 -20.50 -31.56 5.12
C LEU B 394 -20.31 -31.51 6.62
N ASP B 395 -19.64 -32.55 7.14
CA ASP B 395 -19.28 -32.66 8.55
C ASP B 395 -17.88 -32.06 8.75
N THR B 396 -17.75 -30.78 8.36
CA THR B 396 -16.52 -30.01 8.42
C THR B 396 -16.88 -28.55 8.67
N PRO B 397 -16.11 -27.77 9.49
CA PRO B 397 -16.35 -26.33 9.61
C PRO B 397 -16.33 -25.63 8.24
N SER B 398 -17.44 -24.93 7.98
CA SER B 398 -17.88 -24.43 6.68
C SER B 398 -18.46 -23.04 6.87
N GLU B 399 -18.04 -22.12 6.01
CA GLU B 399 -18.46 -20.72 6.04
C GLU B 399 -18.38 -20.11 4.64
N PHE B 400 -18.86 -18.86 4.55
CA PHE B 400 -18.83 -18.00 3.36
C PHE B 400 -19.22 -18.78 2.09
N PRO B 401 -20.39 -19.50 1.99
CA PRO B 401 -20.79 -20.13 0.73
C PRO B 401 -21.27 -19.12 -0.32
N GLN B 402 -20.95 -19.43 -1.57
CA GLN B 402 -21.49 -18.78 -2.75
C GLN B 402 -21.95 -19.86 -3.74
N ILE B 403 -22.76 -19.44 -4.71
CA ILE B 403 -23.33 -20.29 -5.75
C ILE B 403 -22.95 -19.77 -7.13
N ASP B 404 -23.40 -20.50 -8.18
CA ASP B 404 -23.54 -19.98 -9.54
C ASP B 404 -24.81 -19.12 -9.61
N ASN B 405 -24.61 -17.79 -9.65
CA ASN B 405 -25.67 -16.78 -9.53
C ASN B 405 -26.64 -16.75 -10.71
N ARG B 406 -26.30 -17.42 -11.82
CA ARG B 406 -27.20 -17.72 -12.91
C ARG B 406 -28.38 -18.61 -12.45
N PHE B 407 -28.26 -19.20 -11.25
CA PHE B 407 -29.24 -20.08 -10.61
C PHE B 407 -29.80 -19.44 -9.32
N MET B 408 -29.60 -18.13 -9.12
CA MET B 408 -30.08 -17.42 -7.94
C MET B 408 -31.60 -17.28 -7.98
N GLY B 409 -32.23 -17.77 -6.89
CA GLY B 409 -33.69 -17.76 -6.70
C GLY B 409 -34.42 -18.85 -7.48
N VAL B 410 -33.67 -19.81 -8.05
CA VAL B 410 -34.15 -21.02 -8.71
C VAL B 410 -33.36 -22.20 -8.15
N GLU B 411 -33.74 -23.43 -8.53
CA GLU B 411 -33.01 -24.65 -8.23
C GLU B 411 -31.55 -24.53 -8.69
N TYR B 412 -30.65 -24.78 -7.75
CA TYR B 412 -29.20 -24.75 -7.91
C TYR B 412 -28.64 -26.08 -7.40
N SER B 413 -27.38 -26.34 -7.78
CA SER B 413 -26.64 -27.56 -7.47
C SER B 413 -25.26 -27.26 -6.86
N SER B 414 -24.51 -26.35 -7.52
CA SER B 414 -23.14 -25.97 -7.17
C SER B 414 -23.13 -25.03 -5.95
N ALA B 415 -22.30 -25.39 -4.94
CA ALA B 415 -21.94 -24.48 -3.86
C ALA B 415 -20.42 -24.44 -3.70
N PHE B 416 -19.91 -23.20 -3.58
CA PHE B 416 -18.49 -22.92 -3.34
C PHE B 416 -18.35 -22.45 -1.91
N ILE B 417 -17.67 -23.26 -1.10
CA ILE B 417 -17.72 -23.16 0.36
C ILE B 417 -16.30 -22.96 0.89
N ASN B 418 -16.12 -21.96 1.78
CA ASN B 418 -14.92 -21.73 2.56
C ASN B 418 -14.89 -22.76 3.69
N VAL B 419 -13.80 -23.55 3.78
CA VAL B 419 -13.75 -24.76 4.62
C VAL B 419 -12.47 -24.82 5.48
N PHE B 420 -12.62 -25.49 6.65
CA PHE B 420 -11.51 -26.14 7.35
C PHE B 420 -11.30 -27.48 6.64
N VAL B 421 -10.07 -27.68 6.10
CA VAL B 421 -9.72 -28.85 5.31
C VAL B 421 -9.67 -30.07 6.26
N PRO B 422 -10.50 -31.15 6.05
CA PRO B 422 -10.43 -32.36 6.89
C PRO B 422 -9.03 -32.97 6.93
N ASP B 423 -8.56 -33.27 8.16
CA ASP B 423 -7.27 -33.85 8.54
C ASP B 423 -6.08 -32.88 8.34
N ARG B 424 -6.33 -31.62 7.96
CA ARG B 424 -5.32 -30.66 7.49
C ARG B 424 -5.47 -29.29 8.18
N SER B 425 -6.40 -29.20 9.13
CA SER B 425 -6.81 -27.99 9.84
C SER B 425 -6.91 -28.27 11.35
N ASP B 426 -7.11 -27.19 12.13
CA ASP B 426 -7.13 -27.19 13.59
C ASP B 426 -8.44 -27.82 14.09
N GLY B 427 -9.57 -27.06 14.03
CA GLY B 427 -10.87 -27.55 14.46
C GLY B 427 -11.27 -27.07 15.87
N ASN B 428 -10.26 -26.78 16.72
CA ASN B 428 -10.42 -26.00 17.95
C ASN B 428 -10.54 -24.50 17.70
N LYS B 429 -10.28 -24.03 16.46
CA LYS B 429 -10.50 -22.65 16.03
C LYS B 429 -12.00 -22.39 15.93
N ASN B 430 -12.42 -21.17 16.37
CA ASN B 430 -13.63 -20.47 15.95
C ASN B 430 -13.76 -20.60 14.42
N VAL B 431 -15.03 -20.77 13.96
CA VAL B 431 -15.41 -21.08 12.58
C VAL B 431 -14.79 -20.11 11.56
N PHE B 432 -14.61 -18.82 11.94
CA PHE B 432 -14.09 -17.79 11.05
C PHE B 432 -12.55 -17.79 10.94
N GLN B 433 -11.86 -18.60 11.75
CA GLN B 433 -10.45 -18.43 12.07
C GLN B 433 -9.53 -19.54 11.56
N GLY B 434 -10.11 -20.66 11.10
CA GLY B 434 -9.29 -21.77 10.61
C GLY B 434 -9.53 -22.13 9.14
N LEU B 435 -10.01 -21.16 8.33
CA LEU B 435 -10.49 -21.43 6.98
C LEU B 435 -9.30 -21.49 6.01
N ASN B 436 -8.89 -22.74 5.70
CA ASN B 436 -7.64 -23.01 5.00
C ASN B 436 -7.89 -23.74 3.67
N GLY B 437 -9.15 -23.77 3.24
CA GLY B 437 -9.51 -24.37 1.96
C GLY B 437 -10.86 -23.95 1.40
N LEU B 438 -11.12 -24.54 0.23
CA LEU B 438 -12.34 -24.38 -0.56
C LEU B 438 -12.89 -25.75 -0.89
N ALA B 439 -14.24 -25.85 -0.89
CA ALA B 439 -15.00 -27.00 -1.36
C ALA B 439 -15.93 -26.58 -2.50
N HIS B 440 -15.90 -27.40 -3.58
CA HIS B 440 -16.93 -27.38 -4.61
C HIS B 440 -17.85 -28.58 -4.40
N TYR B 441 -19.02 -28.30 -3.84
CA TYR B 441 -20.11 -29.24 -3.62
C TYR B 441 -21.08 -29.15 -4.80
N LYS B 442 -21.52 -30.32 -5.28
CA LYS B 442 -22.53 -30.46 -6.32
C LYS B 442 -23.62 -31.39 -5.78
N ARG B 443 -24.82 -30.82 -5.55
CA ARG B 443 -25.99 -31.54 -5.03
C ARG B 443 -26.39 -32.69 -5.95
N LYS B 444 -26.55 -32.40 -7.26
CA LYS B 444 -27.04 -33.32 -8.28
C LYS B 444 -26.17 -34.56 -8.39
N GLU B 445 -24.84 -34.35 -8.49
CA GLU B 445 -23.83 -35.40 -8.54
C GLU B 445 -23.60 -36.04 -7.16
N GLY B 446 -23.87 -35.32 -6.06
CA GLY B 446 -23.50 -35.72 -4.70
C GLY B 446 -21.98 -35.78 -4.46
N THR B 447 -21.20 -34.94 -5.16
CA THR B 447 -19.74 -34.91 -5.13
C THR B 447 -19.25 -33.67 -4.37
N THR B 448 -18.11 -33.80 -3.69
CA THR B 448 -17.32 -32.70 -3.13
C THR B 448 -15.87 -32.80 -3.61
N GLU B 449 -15.37 -31.68 -4.15
CA GLU B 449 -13.99 -31.44 -4.56
C GLU B 449 -13.34 -30.39 -3.67
N TRP B 450 -12.02 -30.51 -3.42
CA TRP B 450 -11.29 -29.80 -2.37
C TRP B 450 -10.07 -29.05 -2.94
N TYR B 451 -9.94 -27.77 -2.52
CA TYR B 451 -8.76 -26.93 -2.72
C TYR B 451 -8.13 -26.64 -1.37
N TYR B 452 -6.83 -26.95 -1.23
CA TYR B 452 -6.05 -26.61 -0.04
C TYR B 452 -5.26 -25.31 -0.29
N ALA B 453 -5.40 -24.30 0.61
CA ALA B 453 -4.77 -23.00 0.47
C ALA B 453 -3.24 -23.04 0.48
N GLY B 454 -2.67 -24.02 1.22
CA GLY B 454 -1.23 -24.16 1.45
C GLY B 454 -0.91 -24.16 2.94
N ASP B 455 0.28 -24.70 3.30
CA ASP B 455 0.82 -24.60 4.67
C ASP B 455 1.09 -23.14 4.99
N ASN B 456 0.74 -22.72 6.22
CA ASN B 456 0.87 -21.36 6.75
C ASN B 456 0.06 -20.36 5.90
N CYS B 457 -1.11 -20.82 5.41
CA CYS B 457 -2.02 -20.06 4.58
C CYS B 457 -3.44 -20.17 5.11
N LEU B 458 -4.16 -19.06 5.00
CA LEU B 458 -5.62 -19.00 5.09
C LEU B 458 -6.17 -18.58 3.73
N ILE B 459 -7.46 -18.89 3.49
CA ILE B 459 -8.20 -18.51 2.29
C ILE B 459 -9.57 -17.97 2.70
N GLN B 460 -10.02 -16.95 1.94
CA GLN B 460 -11.26 -16.24 2.20
C GLN B 460 -12.34 -16.73 1.21
N GLU B 461 -13.53 -16.08 1.26
CA GLU B 461 -14.74 -16.43 0.52
C GLU B 461 -14.48 -16.59 -0.99
N PRO B 462 -14.89 -17.74 -1.62
CA PRO B 462 -14.83 -17.89 -3.07
C PRO B 462 -15.91 -17.10 -3.79
N VAL B 463 -15.55 -16.66 -5.01
CA VAL B 463 -16.47 -16.10 -6.01
C VAL B 463 -16.30 -16.90 -7.30
N PHE B 464 -17.39 -17.02 -8.07
CA PHE B 464 -17.44 -17.77 -9.32
C PHE B 464 -17.72 -16.84 -10.50
N SER B 465 -16.98 -17.11 -11.59
CA SER B 465 -17.23 -16.57 -12.93
C SER B 465 -17.42 -17.72 -13.91
N PRO B 466 -18.54 -17.79 -14.69
CA PRO B 466 -18.72 -18.85 -15.68
C PRO B 466 -17.74 -18.72 -16.84
N ARG B 467 -17.32 -19.88 -17.39
CA ARG B 467 -16.42 -20.01 -18.54
C ARG B 467 -16.87 -19.16 -19.73
N SER B 468 -18.17 -19.21 -20.03
CA SER B 468 -18.92 -18.37 -20.96
C SER B 468 -20.36 -18.28 -20.46
N LYS B 469 -21.17 -17.38 -21.07
CA LYS B 469 -22.55 -17.06 -20.68
C LYS B 469 -23.45 -18.31 -20.57
N ASP B 470 -23.23 -19.25 -21.51
CA ASP B 470 -24.03 -20.44 -21.74
C ASP B 470 -23.33 -21.72 -21.22
N ALA B 471 -22.17 -21.61 -20.54
CA ALA B 471 -21.44 -22.73 -19.93
C ALA B 471 -22.31 -23.45 -18.89
N PRO B 472 -22.20 -24.81 -18.67
CA PRO B 472 -22.96 -25.50 -17.63
C PRO B 472 -22.77 -24.94 -16.21
N GLU B 473 -23.73 -25.22 -15.33
CA GLU B 473 -23.72 -24.79 -13.93
C GLU B 473 -22.40 -25.17 -13.26
N GLY B 474 -21.74 -24.17 -12.67
CA GLY B 474 -20.49 -24.33 -11.93
C GLY B 474 -19.28 -24.67 -12.80
N ASP B 475 -19.36 -24.39 -14.12
CA ASP B 475 -18.24 -24.51 -15.04
C ASP B 475 -17.63 -23.13 -15.31
N GLY B 476 -16.39 -22.97 -14.83
CA GLY B 476 -15.61 -21.76 -15.04
C GLY B 476 -14.50 -21.64 -14.01
N PHE B 477 -14.44 -20.45 -13.38
CA PHE B 477 -13.30 -19.99 -12.59
C PHE B 477 -13.77 -19.53 -11.21
N VAL B 478 -12.99 -19.94 -10.22
CA VAL B 478 -13.17 -19.59 -8.81
C VAL B 478 -11.97 -18.74 -8.37
N LEU B 479 -12.29 -17.60 -7.74
CA LEU B 479 -11.33 -16.61 -7.24
C LEU B 479 -11.54 -16.44 -5.74
N ALA B 480 -10.41 -16.31 -5.00
CA ALA B 480 -10.37 -16.15 -3.55
C ALA B 480 -9.09 -15.47 -3.11
N ILE B 481 -9.16 -14.69 -2.01
CA ILE B 481 -8.02 -14.04 -1.34
C ILE B 481 -7.34 -15.09 -0.46
N VAL B 482 -6.02 -15.25 -0.66
CA VAL B 482 -5.15 -16.12 0.12
C VAL B 482 -4.27 -15.22 1.00
N ASP B 483 -4.20 -15.55 2.29
CA ASP B 483 -3.27 -14.94 3.24
C ASP B 483 -2.01 -15.78 3.26
N ARG B 484 -0.90 -15.19 2.79
CA ARG B 484 0.40 -15.85 2.82
C ARG B 484 1.07 -15.45 4.13
N LEU B 485 0.74 -16.20 5.19
CA LEU B 485 0.92 -15.79 6.58
C LEU B 485 2.40 -15.57 6.93
N ASP B 486 3.26 -16.48 6.45
CA ASP B 486 4.70 -16.48 6.60
C ASP B 486 5.38 -15.35 5.79
N LEU B 487 4.70 -14.84 4.76
CA LEU B 487 5.26 -13.89 3.80
C LEU B 487 4.77 -12.45 3.99
N ASN B 488 3.77 -12.20 4.88
CA ASN B 488 3.13 -10.89 5.09
C ASN B 488 2.60 -10.31 3.76
N ARG B 489 1.92 -11.16 2.97
CA ARG B 489 1.29 -10.78 1.71
C ARG B 489 -0.06 -11.46 1.51
N SER B 490 -0.91 -10.78 0.71
CA SER B 490 -2.17 -11.31 0.19
C SER B 490 -2.04 -11.57 -1.31
N GLU B 491 -2.75 -12.61 -1.78
CA GLU B 491 -2.81 -13.04 -3.17
C GLU B 491 -4.25 -13.32 -3.59
N VAL B 492 -4.53 -13.21 -4.90
CA VAL B 492 -5.74 -13.72 -5.54
C VAL B 492 -5.35 -15.05 -6.22
N VAL B 493 -5.89 -16.17 -5.71
CA VAL B 493 -5.83 -17.45 -6.41
C VAL B 493 -6.92 -17.50 -7.49
N VAL B 494 -6.60 -18.11 -8.65
CA VAL B 494 -7.54 -18.41 -9.74
C VAL B 494 -7.48 -19.93 -9.98
N ILE B 495 -8.64 -20.59 -9.84
CA ILE B 495 -8.86 -22.04 -9.98
C ILE B 495 -9.86 -22.25 -11.12
N ASP B 496 -9.48 -23.12 -12.09
CA ASP B 496 -10.40 -23.66 -13.09
C ASP B 496 -11.13 -24.84 -12.45
N THR B 497 -12.47 -24.85 -12.58
CA THR B 497 -13.36 -25.85 -12.00
C THR B 497 -13.14 -27.25 -12.57
N ARG B 498 -12.54 -27.37 -13.78
CA ARG B 498 -12.17 -28.64 -14.40
C ARG B 498 -11.14 -29.40 -13.55
N ASP B 499 -10.27 -28.67 -12.84
CA ASP B 499 -9.42 -29.23 -11.80
C ASP B 499 -9.38 -28.28 -10.60
N PHE B 500 -10.31 -28.55 -9.68
CA PHE B 500 -10.58 -27.78 -8.47
C PHE B 500 -9.41 -27.81 -7.49
N THR B 501 -8.55 -28.85 -7.58
CA THR B 501 -7.42 -29.06 -6.68
C THR B 501 -6.26 -28.09 -6.98
N LYS B 502 -6.22 -27.46 -8.17
CA LYS B 502 -5.05 -26.74 -8.70
C LYS B 502 -5.37 -25.30 -9.08
N ALA B 503 -4.50 -24.39 -8.65
CA ALA B 503 -4.46 -23.00 -9.09
C ALA B 503 -3.83 -22.91 -10.47
N VAL B 504 -4.50 -22.17 -11.36
CA VAL B 504 -4.03 -21.84 -12.72
C VAL B 504 -3.20 -20.56 -12.70
N ALA B 505 -3.51 -19.64 -11.76
CA ALA B 505 -2.94 -18.30 -11.70
C ALA B 505 -2.99 -17.76 -10.26
N ALA B 506 -2.05 -16.85 -9.95
CA ALA B 506 -1.96 -16.12 -8.69
C ALA B 506 -1.67 -14.65 -9.00
N VAL B 507 -2.50 -13.77 -8.42
CA VAL B 507 -2.37 -12.32 -8.47
C VAL B 507 -1.63 -11.94 -7.19
N GLN B 508 -0.38 -11.46 -7.34
CA GLN B 508 0.56 -11.30 -6.24
C GLN B 508 0.69 -9.82 -5.90
N LEU B 509 -0.01 -9.41 -4.82
CA LEU B 509 0.18 -8.13 -4.15
C LEU B 509 1.58 -8.05 -3.52
N PRO B 510 2.24 -6.86 -3.44
CA PRO B 510 3.49 -6.69 -2.70
C PRO B 510 3.33 -6.63 -1.17
N PHE B 511 2.06 -6.67 -0.70
CA PHE B 511 1.67 -6.48 0.68
C PHE B 511 0.46 -7.36 1.04
N ALA B 512 0.14 -7.38 2.36
CA ALA B 512 -1.07 -7.98 2.88
C ALA B 512 -2.18 -6.94 3.02
N ILE B 513 -3.41 -7.37 2.68
CA ILE B 513 -4.64 -6.62 2.98
C ILE B 513 -5.36 -7.33 4.14
N ARG B 514 -6.34 -6.62 4.73
CA ARG B 514 -7.18 -7.19 5.78
C ARG B 514 -7.90 -8.44 5.28
N SER B 515 -8.05 -9.41 6.22
CA SER B 515 -8.99 -10.49 6.01
C SER B 515 -10.41 -9.91 6.08
N GLY B 516 -11.15 -10.07 4.98
CA GLY B 516 -12.43 -9.40 4.79
C GLY B 516 -13.64 -10.25 5.16
N ILE B 517 -14.79 -9.77 4.68
CA ILE B 517 -16.08 -10.36 4.96
C ILE B 517 -16.54 -10.99 3.63
N HIS B 518 -17.34 -10.25 2.84
CA HIS B 518 -17.80 -10.71 1.54
C HIS B 518 -17.04 -10.04 0.41
N GLY B 519 -17.06 -10.72 -0.73
CA GLY B 519 -16.73 -10.17 -2.03
C GLY B 519 -17.66 -10.71 -3.11
N GLN B 520 -17.55 -10.12 -4.31
CA GLN B 520 -18.38 -10.43 -5.46
C GLN B 520 -17.56 -10.40 -6.75
N TRP B 521 -17.85 -11.36 -7.64
CA TRP B 521 -17.49 -11.23 -9.05
C TRP B 521 -18.54 -10.38 -9.75
N ILE B 522 -18.09 -9.26 -10.33
CA ILE B 522 -18.96 -8.34 -11.06
C ILE B 522 -18.47 -8.35 -12.51
N PRO B 523 -19.18 -9.00 -13.48
CA PRO B 523 -18.76 -8.95 -14.89
C PRO B 523 -18.74 -7.55 -15.48
N GLY B 524 -17.84 -7.37 -16.46
CA GLY B 524 -17.71 -6.18 -17.29
C GLY B 524 -19.05 -5.67 -17.85
N GLU B 525 -19.88 -6.62 -18.35
CA GLU B 525 -21.17 -6.39 -19.04
C GLU B 525 -22.17 -5.61 -18.18
N VAL B 526 -22.09 -5.75 -16.84
CA VAL B 526 -23.02 -5.12 -15.89
C VAL B 526 -22.45 -3.81 -15.31
N THR B 527 -21.15 -3.54 -15.56
CA THR B 527 -20.40 -2.40 -15.04
C THR B 527 -20.49 -1.26 -16.05
N PRO B 528 -21.15 -0.09 -15.75
CA PRO B 528 -21.10 1.08 -16.64
C PRO B 528 -19.67 1.51 -16.96
N ASP B 529 -19.39 1.65 -18.28
CA ASP B 529 -18.16 2.22 -18.84
C ASP B 529 -16.93 1.35 -18.59
N PHE B 530 -17.15 0.04 -18.39
CA PHE B 530 -16.10 -0.97 -18.28
C PHE B 530 -15.15 -0.95 -19.47
N GLU B 531 -15.70 -0.78 -20.69
CA GLU B 531 -14.96 -0.78 -21.95
C GLU B 531 -14.01 0.42 -22.09
N THR B 532 -14.29 1.54 -21.38
CA THR B 532 -13.58 2.80 -21.55
C THR B 532 -12.86 3.28 -20.27
N LYS B 533 -13.15 2.71 -19.09
CA LYS B 533 -12.56 3.14 -17.82
C LYS B 533 -11.85 1.99 -17.11
N GLY B 534 -10.61 2.25 -16.69
CA GLY B 534 -9.82 1.39 -15.82
C GLY B 534 -9.94 1.82 -14.35
N LEU B 535 -9.34 1.01 -13.45
CA LEU B 535 -9.18 1.36 -12.03
C LEU B 535 -8.21 2.54 -11.85
N VAL B 536 -7.25 2.68 -12.80
CA VAL B 536 -6.12 3.61 -12.76
C VAL B 536 -6.27 4.51 -14.00
N ASP B 537 -6.32 5.83 -13.77
CA ASP B 537 -6.29 6.78 -14.88
C ASP B 537 -4.88 6.85 -15.46
N LEU B 538 -4.85 6.76 -16.80
CA LEU B 538 -3.64 6.94 -17.58
C LEU B 538 -3.10 8.36 -17.42
N PRO B 539 -1.77 8.58 -17.30
CA PRO B 539 -1.19 9.92 -17.44
C PRO B 539 -1.37 10.46 -18.87
N LYS B 540 -1.22 11.78 -19.03
CA LYS B 540 -1.36 12.48 -20.31
C LYS B 540 -0.34 11.96 -21.33
N GLU B 541 -0.73 11.99 -22.61
CA GLU B 541 0.10 11.58 -23.74
C GLU B 541 1.25 12.57 -23.95
N GLU B 542 0.94 13.88 -23.99
CA GLU B 542 1.88 14.95 -24.29
C GLU B 542 3.07 14.89 -23.31
N HIS B 543 4.28 14.98 -23.89
CA HIS B 543 5.54 15.08 -23.17
C HIS B 543 5.59 16.40 -22.40
N TRP B 544 6.09 16.33 -21.15
CA TRP B 544 6.47 17.49 -20.35
C TRP B 544 7.67 18.20 -20.99
N ALA B 545 8.68 17.42 -21.40
CA ALA B 545 9.96 17.98 -21.83
C ALA B 545 9.91 18.39 -23.30
N PRO B 546 10.55 19.54 -23.69
CA PRO B 546 10.71 19.87 -25.12
C PRO B 546 11.70 18.93 -25.82
N LEU B 547 11.54 18.82 -27.16
CA LEU B 547 12.38 18.02 -28.04
C LEU B 547 13.88 18.35 -27.86
N SER B 548 14.22 19.66 -27.68
CA SER B 548 15.56 20.18 -27.48
C SER B 548 16.30 19.56 -26.28
N GLN B 549 15.55 19.01 -25.31
CA GLN B 549 16.10 18.50 -24.05
C GLN B 549 16.63 17.06 -24.17
N SER B 550 16.41 16.40 -25.34
CA SER B 550 16.88 15.04 -25.61
C SER B 550 18.40 14.93 -25.46
N PRO B 551 18.94 13.91 -24.72
CA PRO B 551 20.38 13.63 -24.74
C PRO B 551 20.89 13.15 -26.11
N TYR B 552 19.98 12.50 -26.86
CA TYR B 552 20.27 11.88 -28.14
C TYR B 552 20.10 12.89 -29.27
N ASP B 553 21.11 12.86 -30.15
CA ASP B 553 21.13 13.54 -31.44
C ASP B 553 21.22 12.48 -32.54
N PRO B 554 20.21 12.37 -33.46
CA PRO B 554 20.25 11.42 -34.58
C PRO B 554 21.43 11.57 -35.55
N ASP B 555 22.09 12.74 -35.54
CA ASP B 555 23.19 13.12 -36.42
C ASP B 555 24.56 12.91 -35.80
N ALA B 556 24.62 12.73 -34.46
CA ALA B 556 25.85 12.52 -33.70
C ALA B 556 26.48 11.15 -34.00
C1' HBA C . 24.36 6.76 -6.87
O1' HBA C . 23.91 6.69 -5.74
C1 HBA C . 23.60 7.00 -8.12
C2 HBA C . 22.19 7.09 -8.10
C3 HBA C . 21.48 7.34 -9.28
C4 HBA C . 22.19 7.56 -10.46
C5 HBA C . 23.59 7.54 -10.48
C6 HBA C . 24.29 7.26 -9.31
O4 HBA C . 21.52 7.86 -11.63
FE FE2 D . 23.65 10.18 -4.63
C1' HBA E . -20.90 -11.39 9.55
O1' HBA E . -21.49 -12.43 9.69
C1 HBA E . -21.38 -10.04 9.89
C2 HBA E . -20.73 -8.93 9.35
C3 HBA E . -21.13 -7.64 9.67
C4 HBA E . -22.18 -7.44 10.56
C5 HBA E . -22.84 -8.54 11.13
C6 HBA E . -22.43 -9.83 10.82
O4 HBA E . -22.52 -6.14 10.84
FE FE2 F . -22.52 -12.06 5.74
#